data_6BV0
#
_entry.id   6BV0
#
_cell.length_a   260.646
_cell.length_b   62.865
_cell.length_c   81.721
_cell.angle_alpha   90.00
_cell.angle_beta   100.57
_cell.angle_gamma   90.00
#
_symmetry.space_group_name_H-M   'C 1 2 1'
#
loop_
_entity.id
_entity.type
_entity.pdbx_description
1 polymer 'Aminopeptidase N'
2 branched 2-acetamido-2-deoxy-beta-D-glucopyranose-(1-4)-2-acetamido-2-deoxy-beta-D-glucopyranose-(1-4)-2-acetamido-2-deoxy-beta-D-glucopyranose
3 branched 2-acetamido-2-deoxy-beta-D-glucopyranose-(1-4)-2-acetamido-2-deoxy-beta-D-glucopyranose
4 non-polymer 2-acetamido-2-deoxy-beta-D-glucopyranose
5 non-polymer ARGININE
6 non-polymer 'SULFATE ION'
7 non-polymer 'ZINC ION'
8 water water
#
_entity_poly.entity_id   1
_entity_poly.type   'polypeptide(L)'
_entity_poly.pdbx_seq_one_letter_code
;QSKPWNRYRLPTTLLPDSYNVTLRPYLTPNADGLYIFKGKSIVRFLCQEPTDVIIIHSKKLNYTTQGHMVVLRGVGDSQV
PEIDRTELVELTEYLVVHLKGSLQPGHMYEMESEFQGELADDLAGFYRSEYMEGNVKKVLATTQMQSTDARKSFPCFDEP
AMKATFNITLIHPNNLTALSNMPPKGSSTPLAEDPNWSVTEFETTPVMSTYLLAYIVSEFQSVNETAQNGVLIRIWARPN
AIAEGHGMYALNVTGPILNFFANHYNTSYPLPKSDQIALPDFNAGAMENWGLVTYRENALLFDPQSSSISNKERVVTVIA
HELAHQWFGNLVTLAWWNDLWLNEGFASYVEYLGADHAEPTWNLKDLIVPGDVYRVMAVDALASSHPLTTPAEEVNTPAQ
ISEMFDSISYSKGASVIRMLSNFLTEDLFKEGLASYLHAFAYQNTTYLDLWEHLQKAVDAQTSIRLPDTVRAIMDRWTLQ
MGFPVITVDTKTGNISQKHFLLDSESNVTRSSAFDYLWIVPISSIKNGVMQDHYWLRDVSQAQNDLFKTASDDWVLLNVN
VTGYFQVNYDEDNWRMIQHQLQTNLSVIPVINRAQVIYDSFNLATAHMVPVTLALDNTLFLNGEKEYMPWQAALSSLSYF
SLMFDRSEVYGPMKKYLRKQVEPLFQHFETLTKNWTERPENLMDQYSEINAISTACSNGLPQCENLAKTLFDQWMSDPEN
NPIHPNLRSTIYCNAIAQGGQDQWDFAWGQLQQAQLVNEADKLRSALACSNEVWLLNRYLGYTLNPDLIRKQDATSTINS
IASNVIGQPLAWDFVQSNWKKLFQDYGGGSFSFSNLIQGVTRRFSSEFELQQLEQFKKNNMDVGFGSGTRALEQALEKTK
ANIKWVKENKEVVLNWFIEHSS
;
_entity_poly.pdbx_strand_id   A
#
loop_
_chem_comp.id
_chem_comp.type
_chem_comp.name
_chem_comp.formula
NAG D-saccharide, beta linking 2-acetamido-2-deoxy-beta-D-glucopyranose 'C8 H15 N O6'
SO4 non-polymer 'SULFATE ION' 'O4 S -2'
ZN non-polymer 'ZINC ION' 'Zn 2'
#
# COMPACT_ATOMS: atom_id res chain seq x y z
N GLN A 1 3.51 26.48 33.27
CA GLN A 1 4.35 25.32 32.95
C GLN A 1 3.54 24.02 33.14
N SER A 2 3.18 23.38 32.03
CA SER A 2 2.54 22.07 32.10
C SER A 2 3.53 21.03 32.65
N LYS A 3 2.98 19.97 33.28
CA LYS A 3 3.81 18.94 33.85
C LYS A 3 4.31 18.05 32.70
N PRO A 4 5.59 17.61 32.76
CA PRO A 4 6.09 16.88 31.58
C PRO A 4 5.32 15.57 31.28
N TRP A 5 4.73 14.95 32.29
CA TRP A 5 4.01 13.69 32.04
C TRP A 5 2.67 13.92 31.35
N ASN A 6 2.28 15.19 31.19
CA ASN A 6 1.08 15.53 30.45
C ASN A 6 1.38 16.03 29.03
N ARG A 7 2.65 15.96 28.65
CA ARG A 7 3.09 16.25 27.28
C ARG A 7 3.33 14.95 26.50
N TYR A 8 2.95 14.95 25.24
CA TYR A 8 3.02 13.75 24.40
C TYR A 8 4.44 13.34 23.99
N ARG A 9 5.33 14.32 23.84
CA ARG A 9 6.76 14.02 23.53
C ARG A 9 7.55 13.79 24.82
N LEU A 10 8.43 12.81 24.83
CA LEU A 10 9.33 12.52 25.97
C LEU A 10 10.28 13.69 26.26
N PRO A 11 10.67 13.86 27.53
CA PRO A 11 11.83 14.70 27.83
C PRO A 11 13.09 14.20 27.12
N THR A 12 14.07 15.09 26.97
CA THR A 12 15.36 14.69 26.45
C THR A 12 16.43 14.60 27.55
N THR A 13 15.97 14.58 28.80
CA THR A 13 16.86 14.54 29.94
C THR A 13 17.52 13.18 30.16
N LEU A 14 16.84 12.11 29.73
CA LEU A 14 17.31 10.75 29.91
C LEU A 14 17.30 10.02 28.56
N LEU A 15 18.36 9.33 28.24
CA LEU A 15 18.46 8.61 26.98
C LEU A 15 18.84 7.15 27.24
N PRO A 16 18.16 6.22 26.58
CA PRO A 16 18.39 4.80 26.82
C PRO A 16 19.71 4.35 26.21
N ASP A 17 20.35 3.38 26.87
CA ASP A 17 21.58 2.76 26.38
C ASP A 17 21.25 1.37 25.86
N SER A 18 20.62 0.57 26.69
CA SER A 18 20.37 -0.83 26.35
C SER A 18 19.25 -1.37 27.24
N TYR A 19 18.57 -2.38 26.73
CA TYR A 19 17.46 -3.02 27.42
C TYR A 19 17.73 -4.53 27.49
N ASN A 20 17.39 -5.13 28.61
CA ASN A 20 17.09 -6.55 28.67
C ASN A 20 15.56 -6.68 28.72
N VAL A 21 15.01 -7.54 27.87
CA VAL A 21 13.59 -7.82 27.91
C VAL A 21 13.32 -9.33 27.83
N THR A 22 12.56 -9.84 28.79
CA THR A 22 12.14 -11.25 28.79
C THR A 22 10.63 -11.29 28.72
N LEU A 23 10.11 -11.96 27.71
CA LEU A 23 8.67 -12.09 27.51
C LEU A 23 8.24 -13.55 27.56
N ARG A 24 7.04 -13.77 28.09
CA ARG A 24 6.54 -15.12 28.22
C ARG A 24 5.03 -15.14 27.90
N PRO A 25 4.67 -15.48 26.66
CA PRO A 25 3.29 -15.57 26.25
C PRO A 25 2.66 -16.87 26.83
N TYR A 26 1.43 -16.74 27.32
CA TYR A 26 0.64 -17.91 27.70
C TYR A 26 -0.42 -18.17 26.65
N LEU A 27 -0.21 -19.20 25.84
CA LEU A 27 -1.02 -19.46 24.67
C LEU A 27 -2.26 -20.31 24.99
N THR A 28 -2.44 -20.60 26.27
CA THR A 28 -3.66 -21.24 26.79
C THR A 28 -4.43 -20.21 27.62
N PRO A 29 -5.73 -20.01 27.31
CA PRO A 29 -6.53 -19.04 28.08
C PRO A 29 -6.66 -19.42 29.55
N ASN A 30 -6.86 -18.43 30.42
CA ASN A 30 -7.04 -18.67 31.83
C ASN A 30 -8.46 -19.06 32.22
N ALA A 31 -9.24 -19.55 31.24
CA ALA A 31 -10.48 -20.30 31.52
C ALA A 31 -11.69 -19.42 31.87
N ASP A 32 -11.43 -18.15 32.19
CA ASP A 32 -12.39 -17.06 31.92
C ASP A 32 -12.19 -16.59 30.49
N GLY A 33 -11.14 -17.08 29.87
CA GLY A 33 -10.97 -16.97 28.43
C GLY A 33 -9.91 -15.92 28.08
N LEU A 34 -9.27 -15.37 29.11
CA LEU A 34 -8.23 -14.36 28.94
C LEU A 34 -6.86 -14.98 28.58
N TYR A 35 -6.22 -14.46 27.52
CA TYR A 35 -4.84 -14.82 27.22
C TYR A 35 -3.90 -13.70 27.73
N ILE A 36 -2.84 -14.08 28.43
CA ILE A 36 -1.89 -13.08 28.94
C ILE A 36 -0.44 -13.36 28.50
N PHE A 37 0.40 -12.33 28.59
CA PHE A 37 1.84 -12.53 28.57
C PHE A 37 2.43 -11.90 29.83
N LYS A 38 3.52 -12.46 30.31
CA LYS A 38 4.26 -11.87 31.41
C LYS A 38 5.62 -11.40 30.87
N GLY A 39 6.16 -10.37 31.49
CA GLY A 39 7.46 -9.86 31.10
C GLY A 39 8.25 -9.33 32.27
N LYS A 40 9.55 -9.19 32.05
CA LYS A 40 10.45 -8.53 33.00
C LYS A 40 11.42 -7.75 32.12
N SER A 41 11.72 -6.54 32.53
CA SER A 41 12.66 -5.73 31.74
C SER A 41 13.63 -4.96 32.62
N ILE A 42 14.83 -4.72 32.10
CA ILE A 42 15.73 -3.76 32.69
C ILE A 42 16.19 -2.82 31.59
N VAL A 43 15.96 -1.52 31.80
CA VAL A 43 16.52 -0.52 30.89
C VAL A 43 17.66 0.23 31.56
N ARG A 44 18.79 0.31 30.87
CA ARG A 44 19.90 1.12 31.30
C ARG A 44 19.84 2.43 30.50
N PHE A 45 19.83 3.56 31.20
CA PHE A 45 19.75 4.85 30.55
C PHE A 45 20.79 5.80 31.15
N LEU A 46 21.13 6.84 30.39
CA LEU A 46 22.09 7.84 30.85
C LEU A 46 21.34 9.14 31.11
N CYS A 47 21.69 9.81 32.21
CA CYS A 47 21.15 11.13 32.51
C CYS A 47 21.95 12.22 31.77
N GLN A 48 21.26 13.02 30.98
CA GLN A 48 21.86 14.14 30.23
C GLN A 48 21.79 15.46 30.98
N GLU A 49 20.64 15.66 31.63
CA GLU A 49 20.37 16.87 32.39
C GLU A 49 19.72 16.44 33.71
N PRO A 50 20.08 17.10 34.81
CA PRO A 50 19.53 16.62 36.08
C PRO A 50 18.02 16.65 36.05
N THR A 51 17.37 15.66 36.67
CA THR A 51 15.94 15.61 36.74
C THR A 51 15.53 14.67 37.90
N ASP A 52 14.39 14.96 38.50
CA ASP A 52 13.88 14.18 39.62
C ASP A 52 12.67 13.32 39.23
N VAL A 53 12.53 13.11 37.93
CA VAL A 53 11.42 12.30 37.40
C VAL A 53 11.90 11.43 36.22
N ILE A 54 11.47 10.17 36.20
CA ILE A 54 11.70 9.33 35.04
C ILE A 54 10.36 9.11 34.35
N ILE A 55 10.33 9.44 33.07
CA ILE A 55 9.15 9.30 32.28
C ILE A 55 9.44 8.35 31.11
N ILE A 56 8.71 7.27 31.06
CA ILE A 56 8.96 6.23 30.09
C ILE A 56 7.57 5.78 29.61
N HIS A 57 7.46 5.24 28.39
CA HIS A 57 6.19 4.83 27.87
C HIS A 57 5.75 3.48 28.47
N SER A 58 4.45 3.36 28.70
CA SER A 58 3.82 2.12 29.12
C SER A 58 2.35 2.19 28.67
N LYS A 59 1.86 1.13 28.04
CA LYS A 59 0.48 1.07 27.58
C LYS A 59 -0.16 -0.28 27.92
N LYS A 60 -1.18 -0.27 28.77
CA LYS A 60 -1.97 -1.48 29.01
C LYS A 60 -1.16 -2.60 29.65
N LEU A 61 -0.25 -2.21 30.52
CA LEU A 61 0.55 -3.12 31.30
C LEU A 61 0.21 -2.97 32.77
N ASN A 62 -0.03 -4.09 33.46
CA ASN A 62 -0.09 -4.12 34.90
C ASN A 62 1.29 -4.46 35.47
N TYR A 63 1.69 -3.78 36.54
CA TYR A 63 2.99 -4.00 37.12
C TYR A 63 2.93 -4.89 38.35
N THR A 64 3.80 -5.90 38.39
CA THR A 64 3.85 -6.78 39.55
C THR A 64 5.19 -6.70 40.29
N THR A 65 6.03 -5.75 39.88
CA THR A 65 7.30 -5.51 40.53
C THR A 65 7.19 -5.43 42.05
N GLN A 66 8.18 -5.97 42.75
CA GLN A 66 8.22 -5.85 44.23
C GLN A 66 8.51 -4.38 44.63
N GLY A 67 7.64 -3.84 45.48
CA GLY A 67 7.75 -2.45 45.93
C GLY A 67 6.91 -1.51 45.07
N HIS A 68 7.58 -0.48 44.54
CA HIS A 68 6.96 0.40 43.54
C HIS A 68 6.89 -0.36 42.19
N MET A 69 6.41 0.32 41.16
CA MET A 69 6.26 -0.36 39.88
C MET A 69 7.60 -0.64 39.20
N VAL A 70 8.64 0.09 39.63
CA VAL A 70 10.00 -0.20 39.21
C VAL A 70 10.93 -0.32 40.40
N VAL A 71 12.10 -0.91 40.17
CA VAL A 71 13.24 -0.79 41.06
C VAL A 71 14.33 -0.04 40.29
N LEU A 72 15.00 0.87 40.98
CA LEU A 72 15.95 1.77 40.34
C LEU A 72 17.31 1.58 40.96
N ARG A 73 18.34 1.35 40.15
CA ARG A 73 19.71 1.18 40.66
C ARG A 73 20.68 2.08 39.94
N GLY A 74 21.78 2.42 40.61
CA GLY A 74 22.90 3.08 39.93
C GLY A 74 23.78 2.07 39.23
N VAL A 75 24.28 2.42 38.06
CA VAL A 75 25.27 1.62 37.36
C VAL A 75 26.67 1.90 37.91
N GLY A 76 27.45 0.85 38.09
CA GLY A 76 28.80 1.00 38.67
C GLY A 76 28.68 1.47 40.11
N ASP A 77 29.38 2.58 40.42
CA ASP A 77 29.26 3.13 41.76
C ASP A 77 28.43 4.41 41.84
N SER A 78 27.54 4.64 40.87
CA SER A 78 26.55 5.70 41.01
C SER A 78 25.57 5.43 42.15
N GLN A 79 25.35 6.43 43.00
CA GLN A 79 24.24 6.43 43.91
C GLN A 79 22.94 6.71 43.14
N VAL A 80 21.81 6.31 43.71
CA VAL A 80 20.52 6.54 43.10
C VAL A 80 19.59 7.18 44.13
N PRO A 81 18.73 8.12 43.69
CA PRO A 81 17.76 8.66 44.62
C PRO A 81 16.66 7.63 44.96
N GLU A 82 16.03 7.81 46.12
CA GLU A 82 14.87 7.00 46.50
C GLU A 82 13.66 7.34 45.61
N ILE A 83 12.84 6.33 45.35
CA ILE A 83 11.60 6.56 44.64
C ILE A 83 10.58 7.17 45.62
N ASP A 84 9.90 8.22 45.21
CA ASP A 84 8.77 8.75 45.97
C ASP A 84 7.51 7.93 45.69
N ARG A 85 7.13 7.85 44.42
CA ARG A 85 5.98 7.08 44.00
C ARG A 85 6.08 6.82 42.51
N THR A 86 5.43 5.75 42.05
CA THR A 86 5.28 5.48 40.64
C THR A 86 3.82 5.57 40.27
N GLU A 87 3.50 6.22 39.14
CA GLU A 87 2.13 6.30 38.68
C GLU A 87 2.01 6.04 37.18
N LEU A 88 0.87 5.53 36.75
CA LEU A 88 0.57 5.41 35.32
C LEU A 88 -0.30 6.56 34.84
N VAL A 89 0.11 7.22 33.75
CA VAL A 89 -0.67 8.30 33.18
C VAL A 89 -1.19 7.83 31.82
N GLU A 90 -2.46 7.48 31.76
CA GLU A 90 -2.99 6.72 30.64
C GLU A 90 -3.03 7.52 29.33
N LEU A 91 -3.37 8.79 29.42
CA LEU A 91 -3.64 9.57 28.23
C LEU A 91 -2.38 9.68 27.35
N THR A 92 -1.29 10.07 27.98
CA THR A 92 0.00 10.17 27.28
C THR A 92 0.84 8.87 27.34
N GLU A 93 0.25 7.81 27.89
CA GLU A 93 0.84 6.47 27.85
C GLU A 93 2.21 6.39 28.52
N TYR A 94 2.29 6.89 29.75
CA TYR A 94 3.53 6.99 30.50
C TYR A 94 3.50 6.15 31.77
N LEU A 95 4.65 5.60 32.13
CA LEU A 95 4.94 5.22 33.51
C LEU A 95 5.83 6.34 34.09
N VAL A 96 5.41 6.91 35.21
CA VAL A 96 6.08 8.06 35.77
C VAL A 96 6.71 7.72 37.13
N VAL A 97 8.00 7.89 37.26
CA VAL A 97 8.71 7.57 38.47
C VAL A 97 9.22 8.85 39.13
N HIS A 98 8.50 9.28 40.17
CA HIS A 98 8.87 10.47 40.91
C HIS A 98 9.96 10.15 41.91
N LEU A 99 11.04 10.90 41.88
CA LEU A 99 12.17 10.67 42.77
C LEU A 99 12.25 11.68 43.91
N LYS A 100 12.87 11.25 44.99
CA LYS A 100 13.08 12.10 46.18
C LYS A 100 14.31 13.00 45.99
N GLY A 101 15.04 12.79 44.92
CA GLY A 101 16.17 13.66 44.58
C GLY A 101 16.48 13.58 43.09
N SER A 102 17.50 14.29 42.64
CA SER A 102 17.77 14.35 41.21
C SER A 102 18.81 13.34 40.78
N LEU A 103 18.57 12.76 39.60
CA LEU A 103 19.60 12.06 38.84
C LEU A 103 20.66 13.05 38.36
N GLN A 104 21.86 12.56 38.11
CA GLN A 104 23.02 13.43 37.85
C GLN A 104 23.57 13.24 36.46
N PRO A 105 23.80 14.34 35.72
CA PRO A 105 24.34 14.24 34.36
C PRO A 105 25.58 13.37 34.29
N GLY A 106 25.67 12.53 33.28
CA GLY A 106 26.82 11.67 33.06
C GLY A 106 26.73 10.31 33.74
N HIS A 107 25.83 10.21 34.72
CA HIS A 107 25.60 8.94 35.41
C HIS A 107 24.61 8.05 34.65
N MET A 108 24.82 6.73 34.75
CA MET A 108 23.90 5.76 34.16
C MET A 108 23.11 5.04 35.27
N TYR A 109 21.89 4.64 34.94
CA TYR A 109 21.02 3.99 35.89
C TYR A 109 20.34 2.80 35.23
N GLU A 110 20.00 1.80 36.03
CA GLU A 110 19.22 0.69 35.54
C GLU A 110 17.86 0.64 36.26
N MET A 111 16.80 0.51 35.49
CA MET A 111 15.45 0.49 36.00
C MET A 111 14.77 -0.85 35.64
N GLU A 112 14.39 -1.60 36.66
CA GLU A 112 13.88 -2.93 36.46
C GLU A 112 12.40 -2.95 36.78
N SER A 113 11.63 -3.73 36.02
CA SER A 113 10.21 -3.83 36.24
C SER A 113 9.73 -5.23 35.90
N GLU A 114 8.63 -5.62 36.53
CA GLU A 114 7.93 -6.84 36.17
C GLU A 114 6.46 -6.53 35.87
N PHE A 115 5.92 -7.15 34.85
CA PHE A 115 4.63 -6.74 34.31
C PHE A 115 3.91 -7.82 33.58
N GLN A 116 2.64 -7.57 33.26
CA GLN A 116 1.88 -8.45 32.39
C GLN A 116 0.79 -7.67 31.66
N GLY A 117 0.40 -8.21 30.52
CA GLY A 117 -0.63 -7.61 29.69
C GLY A 117 -1.47 -8.69 29.04
N GLU A 118 -2.57 -8.29 28.45
CA GLU A 118 -3.37 -9.20 27.65
C GLU A 118 -2.61 -9.54 26.36
N LEU A 119 -2.53 -10.83 26.08
CA LEU A 119 -2.12 -11.26 24.74
C LEU A 119 -3.35 -11.25 23.84
N ALA A 120 -3.78 -10.06 23.44
CA ALA A 120 -5.09 -9.90 22.79
C ALA A 120 -5.00 -10.23 21.30
N ASP A 121 -6.15 -10.52 20.69
CA ASP A 121 -6.14 -10.71 19.24
C ASP A 121 -6.43 -9.38 18.54
N ASP A 122 -5.54 -8.42 18.75
CA ASP A 122 -5.78 -7.04 18.40
C ASP A 122 -4.66 -6.46 17.51
N LEU A 123 -3.76 -7.34 17.06
CA LEU A 123 -2.68 -6.94 16.15
C LEU A 123 -1.82 -5.73 16.60
N ALA A 124 -1.62 -5.58 17.90
CA ALA A 124 -0.91 -4.44 18.48
C ALA A 124 -0.03 -4.91 19.64
N GLY A 125 1.22 -4.45 19.67
CA GLY A 125 2.16 -4.87 20.68
C GLY A 125 2.50 -6.38 20.53
N PHE A 126 2.62 -7.04 21.67
CA PHE A 126 2.74 -8.49 21.71
C PHE A 126 1.30 -9.00 21.77
N TYR A 127 0.89 -9.77 20.78
CA TYR A 127 -0.52 -10.14 20.59
C TYR A 127 -0.64 -11.56 20.10
N ARG A 128 -1.87 -12.10 20.12
CA ARG A 128 -2.10 -13.48 19.66
C ARG A 128 -2.76 -13.52 18.29
N SER A 129 -2.42 -14.55 17.52
CA SER A 129 -3.08 -14.81 16.24
C SER A 129 -3.56 -16.24 16.20
N GLU A 130 -4.83 -16.42 15.93
CA GLU A 130 -5.48 -17.73 15.90
C GLU A 130 -5.68 -18.20 14.47
N TYR A 131 -5.43 -19.47 14.19
CA TYR A 131 -5.64 -20.03 12.85
C TYR A 131 -5.91 -21.52 12.97
N MET A 132 -6.32 -22.13 11.86
CA MET A 132 -6.70 -23.56 11.86
C MET A 132 -5.68 -24.48 11.18
N GLU A 133 -5.38 -25.59 11.83
CA GLU A 133 -4.69 -26.71 11.18
C GLU A 133 -5.52 -27.98 11.32
N GLY A 134 -6.22 -28.34 10.24
CA GLY A 134 -7.19 -29.44 10.28
C GLY A 134 -8.26 -29.18 11.33
N ASN A 135 -8.31 -30.03 12.34
CA ASN A 135 -9.34 -29.95 13.36
C ASN A 135 -9.04 -28.90 14.42
N VAL A 136 -7.76 -28.53 14.54
CA VAL A 136 -7.30 -27.77 15.70
C VAL A 136 -7.20 -26.27 15.40
N LYS A 137 -7.80 -25.46 16.28
CA LYS A 137 -7.43 -24.05 16.39
C LYS A 137 -6.03 -23.93 16.99
N LYS A 138 -5.13 -23.31 16.24
CA LYS A 138 -3.77 -23.04 16.70
C LYS A 138 -3.68 -21.55 17.09
N VAL A 139 -2.86 -21.27 18.08
CA VAL A 139 -2.63 -19.92 18.55
C VAL A 139 -1.13 -19.65 18.61
N LEU A 140 -0.69 -18.57 17.96
CA LEU A 140 0.70 -18.15 18.08
C LEU A 140 0.79 -16.76 18.69
N ALA A 141 2.00 -16.39 19.13
CA ALA A 141 2.25 -15.09 19.73
C ALA A 141 3.21 -14.33 18.82
N THR A 142 2.88 -13.09 18.51
CA THR A 142 3.70 -12.34 17.57
C THR A 142 3.59 -10.86 17.93
N THR A 143 4.30 -10.01 17.18
CA THR A 143 4.36 -8.60 17.54
C THR A 143 3.98 -7.68 16.38
N GLN A 144 3.51 -6.50 16.71
CA GLN A 144 3.45 -5.38 15.78
C GLN A 144 3.62 -4.06 16.58
N MET A 145 4.83 -3.51 16.58
CA MET A 145 5.15 -2.35 17.41
C MET A 145 4.78 -1.05 16.66
N GLN A 146 4.93 -1.09 15.33
CA GLN A 146 4.65 0.09 14.49
C GLN A 146 3.24 0.68 14.78
N SER A 147 3.11 1.97 15.15
CA SER A 147 4.21 2.92 15.39
C SER A 147 4.59 3.05 16.88
N THR A 148 3.56 3.01 17.72
CA THR A 148 3.69 3.39 19.13
C THR A 148 3.19 2.27 20.06
N ASP A 149 3.44 1.03 19.65
CA ASP A 149 3.01 -0.12 20.44
C ASP A 149 4.09 -1.01 21.06
N ALA A 150 5.37 -0.64 20.91
CA ALA A 150 6.40 -1.34 21.68
C ALA A 150 6.10 -1.21 23.19
N ARG A 151 5.68 0.00 23.61
CA ARG A 151 5.30 0.33 24.97
C ARG A 151 4.13 -0.54 25.52
N LYS A 152 3.43 -1.20 24.60
CA LYS A 152 2.34 -2.11 24.96
C LYS A 152 2.90 -3.51 25.32
N SER A 153 4.17 -3.75 25.01
CA SER A 153 4.80 -5.03 25.35
C SER A 153 5.79 -4.99 26.51
N PHE A 154 6.38 -3.82 26.72
CA PHE A 154 7.29 -3.57 27.83
C PHE A 154 7.54 -2.06 27.94
N PRO A 155 7.85 -1.57 29.15
CA PRO A 155 8.07 -0.14 29.32
C PRO A 155 9.36 0.30 28.58
N CYS A 156 9.25 1.34 27.77
CA CYS A 156 10.41 1.76 26.99
C CYS A 156 10.28 3.23 26.56
N PHE A 157 11.41 3.80 26.17
CA PHE A 157 11.43 5.17 25.65
C PHE A 157 11.06 5.09 24.18
N ASP A 158 9.76 5.10 23.90
CA ASP A 158 9.22 4.52 22.68
C ASP A 158 9.08 5.65 21.63
N GLU A 159 10.20 6.26 21.28
CA GLU A 159 10.29 7.20 20.14
C GLU A 159 11.44 6.76 19.23
N PRO A 160 11.25 6.89 17.90
CA PRO A 160 12.17 6.25 16.94
C PRO A 160 13.66 6.71 17.07
N ALA A 161 13.88 7.97 17.47
CA ALA A 161 15.23 8.47 17.61
C ALA A 161 15.96 7.94 18.85
N MET A 162 15.21 7.42 19.82
CA MET A 162 15.83 7.01 21.07
C MET A 162 16.29 5.55 21.00
N LYS A 163 17.31 5.34 20.19
CA LYS A 163 17.74 3.99 19.84
C LYS A 163 18.58 3.40 20.96
N ALA A 164 18.69 2.08 20.94
CA ALA A 164 19.36 1.36 22.01
C ALA A 164 19.61 -0.06 21.50
N THR A 165 20.41 -0.82 22.22
CA THR A 165 20.54 -2.24 21.95
C THR A 165 19.51 -3.00 22.81
N PHE A 166 19.09 -4.15 22.32
CA PHE A 166 18.08 -4.96 23.02
C PHE A 166 18.56 -6.38 23.14
N ASN A 167 18.47 -6.92 24.34
CA ASN A 167 18.73 -8.34 24.62
C ASN A 167 17.41 -8.98 24.95
N ILE A 168 16.86 -9.69 23.98
CA ILE A 168 15.57 -10.32 24.07
C ILE A 168 15.71 -11.76 24.55
N THR A 169 14.85 -12.15 25.50
CA THR A 169 14.69 -13.56 25.84
C THR A 169 13.21 -13.92 25.74
N LEU A 170 12.90 -15.07 25.16
CA LEU A 170 11.54 -15.57 25.10
C LEU A 170 11.44 -16.81 25.97
N ILE A 171 10.42 -16.86 26.80
CA ILE A 171 10.07 -18.11 27.53
C ILE A 171 8.79 -18.69 26.92
N HIS A 172 8.86 -19.92 26.43
CA HIS A 172 7.83 -20.46 25.56
C HIS A 172 7.70 -21.99 25.75
N PRO A 173 6.56 -22.55 25.33
CA PRO A 173 6.41 -24.00 25.36
C PRO A 173 7.57 -24.67 24.62
N ASN A 174 8.05 -25.80 25.15
CA ASN A 174 9.35 -26.32 24.70
C ASN A 174 9.31 -26.93 23.32
N ASN A 175 8.09 -27.12 22.80
CA ASN A 175 7.92 -27.67 21.46
C ASN A 175 7.57 -26.63 20.38
N LEU A 176 7.62 -25.35 20.76
CA LEU A 176 7.44 -24.25 19.82
C LEU A 176 8.75 -23.56 19.51
N THR A 177 8.81 -22.86 18.38
CA THR A 177 10.01 -22.16 17.95
C THR A 177 9.87 -20.67 18.32
N ALA A 178 10.97 -20.10 18.80
CA ALA A 178 11.01 -18.69 19.20
C ALA A 178 11.94 -17.97 18.23
N LEU A 179 11.48 -16.83 17.72
CA LEU A 179 12.26 -16.02 16.79
C LEU A 179 12.27 -14.55 17.29
N SER A 180 13.32 -13.84 16.89
CA SER A 180 13.38 -12.41 17.18
C SER A 180 14.26 -11.75 16.14
N ASN A 181 14.53 -10.46 16.32
CA ASN A 181 15.34 -9.72 15.35
C ASN A 181 16.68 -10.41 15.01
N MET A 182 17.31 -10.95 16.04
CA MET A 182 18.66 -11.52 15.97
C MET A 182 18.60 -13.05 16.06
N PRO A 183 19.70 -13.72 15.70
CA PRO A 183 19.77 -15.18 15.93
C PRO A 183 19.68 -15.51 17.41
N PRO A 184 19.19 -16.71 17.74
CA PRO A 184 19.36 -17.20 19.11
C PRO A 184 20.83 -17.35 19.49
N LYS A 185 21.16 -17.09 20.73
CA LYS A 185 22.53 -17.29 21.29
C LYS A 185 23.03 -18.76 21.18
N GLY A 186 22.10 -19.68 21.15
CA GLY A 186 22.44 -21.09 21.22
C GLY A 186 21.16 -21.86 21.42
N SER A 187 21.28 -23.14 21.77
CA SER A 187 20.10 -23.97 22.00
C SER A 187 19.33 -23.44 23.20
N SER A 188 18.01 -23.57 23.14
CA SER A 188 17.15 -23.22 24.30
C SER A 188 17.41 -24.13 25.49
N THR A 189 17.15 -23.62 26.69
CA THR A 189 17.34 -24.38 27.92
C THR A 189 16.00 -24.49 28.65
N PRO A 190 15.82 -25.56 29.45
CA PRO A 190 14.55 -25.73 30.16
C PRO A 190 14.35 -24.62 31.20
N LEU A 191 13.10 -24.18 31.36
CA LEU A 191 12.78 -23.28 32.45
C LEU A 191 12.76 -24.08 33.75
N ALA A 192 13.65 -23.71 34.68
CA ALA A 192 13.80 -24.51 35.92
C ALA A 192 12.49 -24.66 36.71
N GLU A 193 11.71 -23.58 36.77
CA GLU A 193 10.43 -23.60 37.50
C GLU A 193 9.39 -24.52 36.88
N ASP A 194 9.49 -24.72 35.57
CA ASP A 194 8.59 -25.64 34.85
C ASP A 194 9.21 -26.01 33.50
N PRO A 195 9.86 -27.17 33.43
CA PRO A 195 10.58 -27.66 32.23
C PRO A 195 9.73 -27.94 31.00
N ASN A 196 8.41 -27.83 31.13
CA ASN A 196 7.53 -27.83 29.95
C ASN A 196 7.77 -26.57 29.10
N TRP A 197 8.37 -25.57 29.73
CA TRP A 197 8.75 -24.34 29.05
C TRP A 197 10.26 -24.35 28.79
N SER A 198 10.66 -23.65 27.73
CA SER A 198 12.05 -23.41 27.41
C SER A 198 12.36 -21.91 27.38
N VAL A 199 13.63 -21.61 27.49
CA VAL A 199 14.14 -20.24 27.48
C VAL A 199 15.05 -20.10 26.27
N THR A 200 14.72 -19.14 25.40
CA THR A 200 15.54 -18.83 24.26
C THR A 200 16.06 -17.40 24.34
N GLU A 201 17.37 -17.26 24.43
CA GLU A 201 18.00 -15.94 24.50
C GLU A 201 18.51 -15.59 23.11
N PHE A 202 18.36 -14.33 22.71
CA PHE A 202 18.81 -13.90 21.40
C PHE A 202 20.07 -13.03 21.53
N GLU A 203 20.90 -13.01 20.50
CA GLU A 203 22.07 -12.14 20.47
C GLU A 203 21.61 -10.65 20.57
N THR A 204 22.50 -9.81 21.11
CA THR A 204 22.22 -8.38 21.25
C THR A 204 21.93 -7.74 19.87
N THR A 205 20.87 -6.93 19.77
CA THR A 205 20.59 -6.25 18.53
C THR A 205 21.67 -5.21 18.26
N PRO A 206 21.72 -4.69 17.03
CA PRO A 206 22.40 -3.40 16.90
C PRO A 206 21.62 -2.29 17.63
N VAL A 207 22.23 -1.12 17.75
CA VAL A 207 21.53 0.07 18.14
C VAL A 207 20.35 0.27 17.18
N MET A 208 19.13 0.32 17.72
CA MET A 208 17.93 0.33 16.89
C MET A 208 16.71 0.96 17.60
N SER A 209 15.68 1.26 16.82
CA SER A 209 14.47 1.83 17.32
C SER A 209 13.52 0.74 17.90
N THR A 210 12.76 1.13 18.92
CA THR A 210 11.77 0.23 19.50
C THR A 210 10.70 -0.23 18.52
N TYR A 211 10.28 0.65 17.60
CA TYR A 211 9.17 0.28 16.70
C TYR A 211 9.53 -0.85 15.70
N LEU A 212 10.80 -1.22 15.67
CA LEU A 212 11.29 -2.26 14.75
C LEU A 212 11.60 -3.62 15.44
N LEU A 213 11.36 -3.67 16.74
CA LEU A 213 11.53 -4.94 17.49
C LEU A 213 10.47 -5.99 17.08
N ALA A 214 10.85 -7.27 17.14
CA ALA A 214 9.88 -8.32 16.89
C ALA A 214 10.25 -9.58 17.64
N TYR A 215 9.23 -10.33 18.02
CA TYR A 215 9.45 -11.65 18.59
C TYR A 215 8.22 -12.49 18.40
N ILE A 216 8.42 -13.78 18.12
CA ILE A 216 7.33 -14.63 17.69
C ILE A 216 7.52 -16.01 18.25
N VAL A 217 6.44 -16.57 18.77
CA VAL A 217 6.42 -17.96 19.26
C VAL A 217 5.36 -18.72 18.51
N SER A 218 5.77 -19.78 17.84
CA SER A 218 4.86 -20.49 16.92
C SER A 218 5.35 -21.90 16.63
N GLU A 219 4.52 -22.64 15.91
CA GLU A 219 4.89 -23.98 15.42
C GLU A 219 5.43 -23.90 14.00
N PHE A 220 5.79 -22.70 13.54
CA PHE A 220 6.12 -22.52 12.14
C PHE A 220 7.39 -23.25 11.73
N GLN A 221 7.48 -23.58 10.45
CA GLN A 221 8.67 -24.20 9.89
C GLN A 221 9.20 -23.32 8.76
N SER A 222 10.39 -23.62 8.27
CA SER A 222 11.07 -22.70 7.37
C SER A 222 11.70 -23.40 6.16
N VAL A 223 11.82 -22.67 5.05
CA VAL A 223 12.79 -23.00 4.01
C VAL A 223 13.99 -22.03 4.07
N ASN A 224 15.19 -22.53 3.81
CA ASN A 224 16.43 -21.83 4.12
C ASN A 224 17.36 -21.73 2.92
N GLU A 225 18.17 -20.67 2.91
CA GLU A 225 19.35 -20.62 2.06
C GLU A 225 20.45 -19.90 2.82
N THR A 226 21.70 -20.33 2.67
CA THR A 226 22.81 -19.52 3.13
C THR A 226 23.41 -18.80 1.93
N ALA A 227 23.30 -17.47 1.92
CA ALA A 227 23.99 -16.65 0.91
C ALA A 227 25.53 -16.84 1.00
N GLN A 228 26.23 -16.35 -0.02
CA GLN A 228 27.68 -16.59 -0.15
C GLN A 228 28.50 -15.97 0.98
N ASN A 229 28.02 -14.83 1.48
CA ASN A 229 28.65 -14.13 2.60
C ASN A 229 28.16 -14.67 3.95
N GLY A 230 27.46 -15.80 3.92
CA GLY A 230 27.11 -16.52 5.12
C GLY A 230 25.85 -16.02 5.82
N VAL A 231 25.19 -15.00 5.24
CA VAL A 231 23.89 -14.49 5.74
C VAL A 231 22.84 -15.58 5.56
N LEU A 232 22.23 -16.01 6.64
CA LEU A 232 21.20 -17.03 6.57
C LEU A 232 19.85 -16.39 6.26
N ILE A 233 19.21 -16.91 5.20
CA ILE A 233 17.92 -16.44 4.74
C ILE A 233 16.90 -17.53 4.98
N ARG A 234 15.81 -17.20 5.68
CA ARG A 234 14.75 -18.15 5.91
C ARG A 234 13.38 -17.55 5.62
N ILE A 235 12.50 -18.36 5.05
CA ILE A 235 11.09 -18.05 4.95
C ILE A 235 10.32 -18.97 5.88
N TRP A 236 9.56 -18.37 6.81
CA TRP A 236 8.79 -19.13 7.80
C TRP A 236 7.31 -19.09 7.47
N ALA A 237 6.63 -20.22 7.69
CA ALA A 237 5.19 -20.30 7.48
C ALA A 237 4.61 -21.48 8.23
N ARG A 238 3.28 -21.56 8.22
CA ARG A 238 2.58 -22.74 8.72
C ARG A 238 3.20 -24.01 8.12
N PRO A 239 3.39 -25.04 8.96
CA PRO A 239 3.89 -26.31 8.50
C PRO A 239 3.28 -26.78 7.17
N ASN A 240 1.96 -26.69 7.03
CA ASN A 240 1.32 -27.15 5.80
C ASN A 240 1.66 -26.29 4.58
N ALA A 241 1.83 -24.99 4.79
CA ALA A 241 2.20 -24.10 3.69
C ALA A 241 3.61 -24.38 3.20
N ILE A 242 4.55 -24.56 4.12
CA ILE A 242 5.92 -24.95 3.78
C ILE A 242 5.96 -26.27 3.03
N ALA A 243 5.20 -27.25 3.52
CA ALA A 243 5.15 -28.58 2.91
C ALA A 243 4.61 -28.57 1.47
N GLU A 244 3.71 -27.64 1.16
CA GLU A 244 3.18 -27.48 -0.20
C GLU A 244 4.14 -26.73 -1.12
N GLY A 245 5.22 -26.18 -0.55
CA GLY A 245 6.21 -25.45 -1.33
C GLY A 245 5.87 -23.98 -1.57
N HIS A 246 4.95 -23.44 -0.79
CA HIS A 246 4.46 -22.09 -1.05
C HIS A 246 5.47 -21.01 -0.67
N GLY A 247 6.54 -21.40 -0.01
CA GLY A 247 7.58 -20.49 0.41
C GLY A 247 8.70 -20.32 -0.61
N MET A 248 8.67 -21.10 -1.69
CA MET A 248 9.82 -21.21 -2.55
C MET A 248 10.08 -19.96 -3.37
N TYR A 249 9.01 -19.30 -3.85
CA TYR A 249 9.23 -18.07 -4.61
C TYR A 249 9.89 -16.97 -3.78
N ALA A 250 9.37 -16.74 -2.58
CA ALA A 250 9.96 -15.79 -1.65
C ALA A 250 11.44 -16.08 -1.42
N LEU A 251 11.77 -17.34 -1.18
CA LEU A 251 13.15 -17.74 -0.97
C LEU A 251 13.99 -17.47 -2.22
N ASN A 252 13.43 -17.82 -3.38
CA ASN A 252 14.09 -17.58 -4.67
C ASN A 252 14.51 -16.09 -4.84
N VAL A 253 13.61 -15.17 -4.53
CA VAL A 253 13.87 -13.77 -4.82
C VAL A 253 14.65 -13.01 -3.74
N THR A 254 14.67 -13.55 -2.52
CA THR A 254 15.19 -12.80 -1.39
C THR A 254 16.69 -12.54 -1.49
N GLY A 255 17.44 -13.58 -1.82
CA GLY A 255 18.89 -13.44 -2.01
C GLY A 255 19.27 -12.38 -3.01
N PRO A 256 18.74 -12.49 -4.24
CA PRO A 256 19.00 -11.47 -5.25
C PRO A 256 18.61 -10.04 -4.82
N ILE A 257 17.49 -9.89 -4.14
CA ILE A 257 17.07 -8.57 -3.67
C ILE A 257 18.00 -8.00 -2.61
N LEU A 258 18.38 -8.81 -1.61
CA LEU A 258 19.37 -8.37 -0.63
C LEU A 258 20.68 -7.97 -1.29
N ASN A 259 21.14 -8.75 -2.25
CA ASN A 259 22.38 -8.45 -2.99
C ASN A 259 22.26 -7.14 -3.75
N PHE A 260 21.13 -6.97 -4.41
CA PHE A 260 20.91 -5.73 -5.14
C PHE A 260 21.03 -4.52 -4.18
N PHE A 261 20.32 -4.58 -3.05
CA PHE A 261 20.31 -3.44 -2.17
C PHE A 261 21.67 -3.16 -1.51
N ALA A 262 22.42 -4.19 -1.13
CA ALA A 262 23.74 -3.97 -0.56
C ALA A 262 24.60 -3.16 -1.55
N ASN A 263 24.56 -3.56 -2.81
CA ASN A 263 25.26 -2.84 -3.85
C ASN A 263 24.65 -1.46 -4.16
N HIS A 264 23.32 -1.40 -4.24
CA HIS A 264 22.63 -0.13 -4.47
C HIS A 264 22.91 0.92 -3.41
N TYR A 265 23.02 0.48 -2.17
CA TYR A 265 23.22 1.39 -1.04
C TYR A 265 24.73 1.55 -0.75
N ASN A 266 25.56 0.79 -1.44
CA ASN A 266 26.98 0.76 -1.15
C ASN A 266 27.26 0.46 0.34
N THR A 267 26.41 -0.38 0.94
CA THR A 267 26.47 -0.69 2.36
C THR A 267 26.08 -2.14 2.58
N SER A 268 26.90 -2.88 3.31
CA SER A 268 26.62 -4.28 3.60
C SER A 268 25.31 -4.41 4.41
N TYR A 269 24.58 -5.48 4.13
CA TYR A 269 23.39 -5.84 4.93
C TYR A 269 23.83 -5.94 6.37
N PRO A 270 23.13 -5.20 7.28
CA PRO A 270 23.76 -4.95 8.58
C PRO A 270 23.46 -6.01 9.66
N LEU A 271 22.90 -7.16 9.29
CA LEU A 271 22.51 -8.19 10.25
C LEU A 271 23.06 -9.58 9.85
N PRO A 272 23.10 -10.51 10.81
CA PRO A 272 23.68 -11.84 10.48
C PRO A 272 22.69 -12.74 9.73
N LYS A 273 21.41 -12.42 9.80
CA LYS A 273 20.41 -13.25 9.17
C LYS A 273 19.19 -12.44 8.75
N SER A 274 18.40 -13.05 7.87
CA SER A 274 17.15 -12.47 7.41
C SER A 274 16.03 -13.49 7.53
N ASP A 275 15.10 -13.26 8.46
CA ASP A 275 13.88 -14.04 8.53
C ASP A 275 12.72 -13.25 7.95
N GLN A 276 11.90 -13.92 7.15
CA GLN A 276 10.61 -13.38 6.75
C GLN A 276 9.52 -14.39 7.08
N ILE A 277 8.40 -13.92 7.60
CA ILE A 277 7.39 -14.82 8.09
C ILE A 277 5.99 -14.46 7.56
N ALA A 278 5.30 -15.46 7.04
CA ALA A 278 3.94 -15.33 6.51
C ALA A 278 2.92 -15.63 7.61
N LEU A 279 2.18 -14.62 8.01
CA LEU A 279 1.21 -14.76 9.09
C LEU A 279 -0.21 -14.81 8.55
N PRO A 280 -1.03 -15.76 9.06
CA PRO A 280 -2.39 -15.81 8.52
C PRO A 280 -3.22 -14.58 8.98
N ASP A 281 -3.79 -13.84 8.02
CA ASP A 281 -4.66 -12.69 8.32
C ASP A 281 -3.97 -11.51 8.98
N PHE A 282 -2.70 -11.27 8.68
CA PHE A 282 -2.00 -10.09 9.20
C PHE A 282 -2.52 -8.85 8.50
N ASN A 283 -3.49 -8.18 9.10
CA ASN A 283 -4.19 -7.05 8.47
C ASN A 283 -3.30 -5.86 8.11
N ALA A 284 -2.20 -5.67 8.83
CA ALA A 284 -1.25 -4.59 8.54
C ALA A 284 -0.45 -4.82 7.21
N GLY A 285 -0.61 -6.03 6.64
CA GLY A 285 -0.03 -6.31 5.33
C GLY A 285 1.42 -6.80 5.36
N ALA A 286 2.34 -5.91 5.79
CA ALA A 286 3.74 -6.30 6.04
C ALA A 286 4.43 -5.27 6.92
N MET A 287 5.45 -5.70 7.67
CA MET A 287 6.14 -4.80 8.57
C MET A 287 7.63 -5.12 8.61
N GLU A 288 8.45 -4.08 8.47
CA GLU A 288 9.87 -4.23 8.18
C GLU A 288 10.75 -4.45 9.44
N ASN A 289 10.26 -5.19 10.43
CA ASN A 289 11.04 -5.40 11.64
C ASN A 289 12.43 -5.91 11.27
N TRP A 290 13.44 -5.36 11.93
CA TRP A 290 14.83 -5.50 11.48
C TRP A 290 15.32 -6.93 11.74
N GLY A 291 15.47 -7.71 10.68
CA GLY A 291 15.89 -9.10 10.78
C GLY A 291 14.76 -10.12 10.87
N LEU A 292 13.54 -9.63 11.04
CA LEU A 292 12.36 -10.50 11.19
C LEU A 292 11.11 -9.82 10.61
N VAL A 293 11.00 -9.85 9.29
CA VAL A 293 9.97 -9.11 8.60
C VAL A 293 8.70 -9.95 8.55
N THR A 294 7.57 -9.34 8.92
CA THR A 294 6.29 -10.03 8.94
C THR A 294 5.43 -9.64 7.72
N TYR A 295 4.65 -10.61 7.23
CA TYR A 295 3.79 -10.44 6.06
C TYR A 295 2.47 -11.18 6.31
N ARG A 296 1.39 -10.70 5.70
CA ARG A 296 0.22 -11.56 5.59
C ARG A 296 0.55 -12.65 4.57
N GLU A 297 0.03 -13.84 4.80
CA GLU A 297 0.37 -15.00 3.98
C GLU A 297 0.33 -14.74 2.50
N ASN A 298 -0.75 -14.16 2.03
CA ASN A 298 -0.96 -13.97 0.60
C ASN A 298 -0.01 -12.95 0.02
N ALA A 299 0.76 -12.28 0.86
CA ALA A 299 1.75 -11.34 0.39
C ALA A 299 3.13 -11.96 0.26
N LEU A 300 3.36 -13.10 0.92
CA LEU A 300 4.68 -13.71 0.92
C LEU A 300 4.67 -15.08 0.23
N LEU A 301 3.59 -15.82 0.45
CA LEU A 301 3.47 -17.16 -0.09
C LEU A 301 2.98 -17.10 -1.54
N PHE A 302 3.31 -18.13 -2.30
CA PHE A 302 2.90 -18.19 -3.68
C PHE A 302 2.66 -19.65 -4.09
N ASP A 303 1.48 -19.94 -4.61
CA ASP A 303 1.16 -21.28 -5.12
C ASP A 303 1.18 -21.28 -6.65
N PRO A 304 2.23 -21.87 -7.25
CA PRO A 304 2.33 -21.85 -8.71
C PRO A 304 1.10 -22.45 -9.40
N GLN A 305 0.41 -23.37 -8.73
CA GLN A 305 -0.71 -24.09 -9.35
C GLN A 305 -2.01 -23.29 -9.40
N SER A 306 -2.15 -22.31 -8.51
CA SER A 306 -3.40 -21.57 -8.40
C SER A 306 -3.23 -20.06 -8.51
N SER A 307 -2.00 -19.58 -8.30
CA SER A 307 -1.73 -18.14 -8.24
C SER A 307 -1.54 -17.53 -9.63
N SER A 308 -2.09 -16.35 -9.85
CA SER A 308 -1.92 -15.62 -11.09
C SER A 308 -0.55 -14.92 -11.12
N ILE A 309 -0.15 -14.45 -12.27
CA ILE A 309 1.05 -13.63 -12.41
C ILE A 309 1.03 -12.36 -11.55
N SER A 310 -0.14 -11.74 -11.41
CA SER A 310 -0.23 -10.54 -10.56
C SER A 310 0.05 -10.86 -9.10
N ASN A 311 -0.24 -12.09 -8.67
CA ASN A 311 0.12 -12.53 -7.32
C ASN A 311 1.64 -12.61 -7.17
N LYS A 312 2.27 -13.16 -8.21
CA LYS A 312 3.72 -13.26 -8.23
C LYS A 312 4.35 -11.87 -8.14
N GLU A 313 3.80 -10.94 -8.91
CA GLU A 313 4.25 -9.55 -8.88
C GLU A 313 4.10 -8.92 -7.49
N ARG A 314 2.95 -9.18 -6.84
CA ARG A 314 2.75 -8.72 -5.47
C ARG A 314 3.83 -9.26 -4.51
N VAL A 315 4.18 -10.54 -4.62
CA VAL A 315 5.18 -11.12 -3.73
C VAL A 315 6.56 -10.47 -3.91
N VAL A 316 7.07 -10.43 -5.13
CA VAL A 316 8.41 -9.90 -5.31
C VAL A 316 8.53 -8.41 -4.92
N THR A 317 7.50 -7.63 -5.24
CA THR A 317 7.54 -6.21 -4.88
C THR A 317 7.38 -5.93 -3.38
N VAL A 318 6.50 -6.66 -2.70
CA VAL A 318 6.37 -6.44 -1.26
C VAL A 318 7.65 -6.85 -0.50
N ILE A 319 8.25 -7.97 -0.90
CA ILE A 319 9.56 -8.36 -0.38
C ILE A 319 10.61 -7.25 -0.64
N ALA A 320 10.66 -6.74 -1.86
CA ALA A 320 11.65 -5.72 -2.20
C ALA A 320 11.42 -4.48 -1.31
N HIS A 321 10.14 -4.14 -1.11
CA HIS A 321 9.78 -3.01 -0.27
C HIS A 321 10.30 -3.15 1.18
N GLU A 322 9.91 -4.24 1.83
CA GLU A 322 10.31 -4.47 3.19
C GLU A 322 11.83 -4.57 3.34
N LEU A 323 12.49 -5.25 2.39
CA LEU A 323 13.95 -5.39 2.48
C LEU A 323 14.66 -4.06 2.25
N ALA A 324 14.06 -3.18 1.45
CA ALA A 324 14.64 -1.86 1.20
C ALA A 324 14.84 -1.14 2.56
N HIS A 325 13.86 -1.33 3.45
CA HIS A 325 13.86 -0.70 4.75
C HIS A 325 15.03 -1.17 5.63
N GLN A 326 15.62 -2.32 5.33
CA GLN A 326 16.60 -2.89 6.26
C GLN A 326 17.85 -2.00 6.28
N TRP A 327 17.96 -1.14 5.27
CA TRP A 327 18.91 -0.04 5.30
C TRP A 327 18.18 1.30 5.52
N PHE A 328 17.26 1.63 4.61
CA PHE A 328 16.67 2.97 4.61
C PHE A 328 15.42 2.98 5.49
N GLY A 329 15.55 3.50 6.69
CA GLY A 329 14.51 3.40 7.69
C GLY A 329 14.95 2.69 8.97
N ASN A 330 15.66 1.57 8.82
CA ASN A 330 16.11 0.80 10.00
C ASN A 330 17.56 1.09 10.42
N LEU A 331 18.47 1.03 9.46
CA LEU A 331 19.86 1.43 9.74
C LEU A 331 19.98 2.95 9.95
N VAL A 332 19.38 3.73 9.04
CA VAL A 332 19.21 5.16 9.24
C VAL A 332 17.73 5.49 9.38
N THR A 333 17.36 6.05 10.52
CA THR A 333 15.95 6.17 10.90
C THR A 333 15.54 7.64 10.94
N LEU A 334 14.39 7.96 10.38
CA LEU A 334 13.88 9.34 10.46
C LEU A 334 13.54 9.69 11.92
N ALA A 335 14.00 10.87 12.36
CA ALA A 335 13.90 11.25 13.77
C ALA A 335 12.49 11.27 14.30
N TRP A 336 11.52 11.56 13.44
CA TRP A 336 10.13 11.69 13.91
C TRP A 336 9.13 11.38 12.81
N TRP A 337 7.90 11.07 13.22
CA TRP A 337 6.91 10.50 12.33
C TRP A 337 6.43 11.51 11.27
N ASN A 338 6.65 12.79 11.52
CA ASN A 338 6.29 13.79 10.50
C ASN A 338 7.09 13.60 9.19
N ASP A 339 8.24 12.95 9.27
CA ASP A 339 9.05 12.59 8.10
C ASP A 339 8.83 11.20 7.57
N LEU A 340 7.74 10.55 7.99
CA LEU A 340 7.41 9.20 7.51
C LEU A 340 7.40 9.08 5.99
N TRP A 341 6.87 10.11 5.32
CA TRP A 341 6.80 10.10 3.86
C TRP A 341 8.16 9.75 3.21
N LEU A 342 9.25 10.19 3.81
CA LEU A 342 10.55 9.91 3.23
C LEU A 342 10.90 8.42 3.33
N ASN A 343 10.71 7.89 4.52
CA ASN A 343 10.92 6.45 4.72
C ASN A 343 10.01 5.59 3.81
N GLU A 344 8.70 5.80 3.91
CA GLU A 344 7.74 5.00 3.13
C GLU A 344 7.76 5.34 1.64
N GLY A 345 7.96 6.61 1.33
CA GLY A 345 8.13 7.03 -0.08
C GLY A 345 9.35 6.41 -0.70
N PHE A 346 10.48 6.48 0.00
CA PHE A 346 11.69 5.87 -0.50
C PHE A 346 11.54 4.37 -0.78
N ALA A 347 11.00 3.61 0.18
CA ALA A 347 10.78 2.17 0.00
C ALA A 347 9.79 1.90 -1.13
N SER A 348 8.74 2.70 -1.19
CA SER A 348 7.72 2.54 -2.25
C SER A 348 8.28 2.79 -3.67
N TYR A 349 9.33 3.61 -3.75
CA TYR A 349 10.03 3.79 -5.03
C TYR A 349 10.99 2.62 -5.31
N VAL A 350 11.91 2.35 -4.39
CA VAL A 350 12.96 1.37 -4.68
C VAL A 350 12.50 -0.09 -4.66
N GLU A 351 11.28 -0.34 -4.15
CA GLU A 351 10.70 -1.68 -4.28
C GLU A 351 10.71 -2.15 -5.74
N TYR A 352 10.46 -1.22 -6.67
CA TYR A 352 10.48 -1.55 -8.09
C TYR A 352 11.91 -1.87 -8.60
N LEU A 353 12.88 -1.14 -8.09
CA LEU A 353 14.30 -1.38 -8.43
C LEU A 353 14.76 -2.75 -7.92
N GLY A 354 14.46 -3.06 -6.65
CA GLY A 354 14.82 -4.36 -6.09
C GLY A 354 14.14 -5.51 -6.80
N ALA A 355 12.83 -5.39 -7.01
CA ALA A 355 12.06 -6.41 -7.73
C ALA A 355 12.56 -6.60 -9.17
N ASP A 356 12.89 -5.49 -9.83
CA ASP A 356 13.45 -5.54 -11.19
C ASP A 356 14.74 -6.38 -11.23
N HIS A 357 15.57 -6.28 -10.20
CA HIS A 357 16.78 -7.07 -10.16
C HIS A 357 16.46 -8.56 -10.09
N ALA A 358 15.48 -8.91 -9.29
CA ALA A 358 15.04 -10.30 -9.14
C ALA A 358 14.28 -10.84 -10.36
N GLU A 359 13.53 -9.97 -11.04
CA GLU A 359 12.81 -10.34 -12.27
C GLU A 359 13.12 -9.36 -13.42
N PRO A 360 14.35 -9.45 -13.99
CA PRO A 360 14.82 -8.42 -14.91
C PRO A 360 14.10 -8.36 -16.28
N THR A 361 13.34 -9.38 -16.63
CA THR A 361 12.64 -9.41 -17.91
C THR A 361 11.25 -8.79 -17.82
N TRP A 362 10.81 -8.43 -16.61
CA TRP A 362 9.42 -8.05 -16.39
C TRP A 362 9.15 -6.54 -16.60
N ASN A 363 10.18 -5.75 -16.76
CA ASN A 363 10.02 -4.33 -16.92
C ASN A 363 9.24 -3.70 -15.76
N LEU A 364 9.45 -4.21 -14.56
CA LEU A 364 8.68 -3.83 -13.40
C LEU A 364 8.72 -2.34 -13.10
N LYS A 365 9.85 -1.68 -13.37
CA LYS A 365 10.00 -0.28 -12.98
C LYS A 365 8.92 0.63 -13.58
N ASP A 366 8.37 0.20 -14.71
CA ASP A 366 7.32 0.95 -15.41
C ASP A 366 6.06 1.10 -14.55
N LEU A 367 5.83 0.11 -13.68
CA LEU A 367 4.54 -0.03 -13.01
C LEU A 367 4.32 1.01 -11.93
N ILE A 368 5.38 1.69 -11.49
CA ILE A 368 5.22 2.83 -10.59
C ILE A 368 4.27 3.92 -11.18
N VAL A 369 4.19 4.00 -12.50
CA VAL A 369 3.38 5.03 -13.13
C VAL A 369 1.86 4.82 -12.93
N PRO A 370 1.34 3.68 -13.39
CA PRO A 370 -0.06 3.40 -13.03
C PRO A 370 -0.21 3.15 -11.53
N GLY A 371 0.77 2.47 -10.94
CA GLY A 371 0.64 1.95 -9.56
C GLY A 371 0.68 3.02 -8.50
N ASP A 372 1.51 4.05 -8.69
CA ASP A 372 1.70 5.10 -7.68
C ASP A 372 1.43 6.51 -8.19
N VAL A 373 2.02 6.86 -9.33
CA VAL A 373 1.91 8.23 -9.85
C VAL A 373 0.47 8.65 -10.11
N TYR A 374 -0.19 7.97 -11.03
CA TYR A 374 -1.56 8.34 -11.38
C TYR A 374 -2.56 8.00 -10.30
N ARG A 375 -2.24 6.98 -9.50
CA ARG A 375 -3.04 6.67 -8.32
C ARG A 375 -3.10 7.87 -7.36
N VAL A 376 -1.95 8.37 -6.93
CA VAL A 376 -1.89 9.44 -5.95
C VAL A 376 -2.31 10.81 -6.57
N MET A 377 -2.09 10.98 -7.86
CA MET A 377 -2.56 12.20 -8.50
C MET A 377 -4.09 12.40 -8.42
N ALA A 378 -4.83 11.31 -8.36
CA ALA A 378 -6.28 11.39 -8.16
C ALA A 378 -6.64 12.11 -6.87
N VAL A 379 -5.91 11.87 -5.79
CA VAL A 379 -6.21 12.49 -4.50
C VAL A 379 -5.46 13.80 -4.25
N ASP A 380 -4.33 13.98 -4.95
CA ASP A 380 -3.49 15.18 -4.80
C ASP A 380 -3.95 16.31 -5.72
N ALA A 381 -4.89 16.01 -6.60
CA ALA A 381 -5.52 17.02 -7.46
C ALA A 381 -6.85 17.48 -6.83
N LEU A 382 -6.92 17.42 -5.50
CA LEU A 382 -8.07 17.87 -4.73
C LEU A 382 -7.66 19.03 -3.82
N ALA A 383 -8.62 19.90 -3.49
CA ALA A 383 -8.37 21.00 -2.57
C ALA A 383 -8.10 20.51 -1.15
N SER A 384 -8.49 19.28 -0.86
CA SER A 384 -8.44 18.74 0.47
C SER A 384 -7.18 17.92 0.70
N SER A 385 -6.24 18.00 -0.25
CA SER A 385 -4.96 17.32 -0.11
C SER A 385 -4.10 17.96 0.95
N HIS A 386 -2.85 17.50 1.06
CA HIS A 386 -1.92 18.03 2.04
C HIS A 386 -0.49 17.83 1.58
N PRO A 387 0.43 18.72 2.00
CA PRO A 387 1.86 18.63 1.65
C PRO A 387 2.47 17.34 2.20
N LEU A 388 3.51 16.83 1.52
CA LEU A 388 4.25 15.70 2.05
C LEU A 388 4.76 15.97 3.46
N THR A 389 5.28 17.17 3.67
CA THR A 389 5.85 17.54 4.96
C THR A 389 4.79 18.07 5.91
N THR A 390 4.98 17.81 7.19
CA THR A 390 4.15 18.33 8.25
C THR A 390 5.14 18.81 9.32
N PRO A 391 4.89 19.96 9.93
CA PRO A 391 5.74 20.41 11.02
C PRO A 391 5.77 19.35 12.15
N ALA A 392 6.96 19.05 12.65
CA ALA A 392 7.13 17.98 13.66
C ALA A 392 6.26 18.26 14.89
N GLU A 393 6.09 19.55 15.17
CA GLU A 393 5.36 19.98 16.33
C GLU A 393 3.84 19.83 16.20
N GLU A 394 3.37 19.45 15.00
CA GLU A 394 1.94 19.17 14.80
C GLU A 394 1.59 17.67 14.91
N VAL A 395 2.61 16.85 15.04
CA VAL A 395 2.42 15.39 15.07
C VAL A 395 2.84 14.87 16.43
N ASN A 396 1.85 14.65 17.29
CA ASN A 396 2.12 14.38 18.71
C ASN A 396 1.49 13.12 19.24
N THR A 397 0.21 12.94 18.97
CA THR A 397 -0.55 11.85 19.59
C THR A 397 -0.37 10.60 18.75
N PRO A 398 -0.68 9.42 19.32
CA PRO A 398 -0.62 8.22 18.49
C PRO A 398 -1.58 8.28 17.29
N ALA A 399 -2.74 8.95 17.46
CA ALA A 399 -3.67 9.09 16.34
C ALA A 399 -3.06 9.98 15.24
N GLN A 400 -2.46 11.09 15.65
CA GLN A 400 -1.77 11.97 14.68
C GLN A 400 -0.63 11.26 13.92
N ILE A 401 0.07 10.38 14.61
CA ILE A 401 1.14 9.60 13.97
C ILE A 401 0.55 8.66 12.95
N SER A 402 -0.53 7.97 13.31
CA SER A 402 -1.21 7.04 12.39
C SER A 402 -1.69 7.71 11.08
N GLU A 403 -2.03 8.99 11.18
CA GLU A 403 -2.50 9.75 10.02
C GLU A 403 -1.37 9.99 8.99
N MET A 404 -0.13 9.82 9.43
CA MET A 404 1.01 9.92 8.50
C MET A 404 1.06 8.80 7.44
N PHE A 405 0.40 7.71 7.73
CA PHE A 405 0.48 6.52 6.88
C PHE A 405 -0.63 6.55 5.81
N ASP A 406 -0.49 7.39 4.81
CA ASP A 406 -1.54 7.51 3.80
C ASP A 406 -0.96 7.53 2.36
N SER A 407 -1.86 7.70 1.39
CA SER A 407 -1.53 7.59 -0.01
C SER A 407 -0.48 8.63 -0.41
N ILE A 408 -0.60 9.82 0.16
CA ILE A 408 0.32 10.93 -0.13
C ILE A 408 1.73 10.53 0.34
N SER A 409 1.85 10.09 1.57
CA SER A 409 3.15 9.66 2.11
C SER A 409 3.84 8.59 1.28
N TYR A 410 3.12 7.55 0.93
CA TYR A 410 3.68 6.40 0.21
C TYR A 410 3.89 6.72 -1.26
N SER A 411 2.79 7.06 -1.93
CA SER A 411 2.73 7.09 -3.41
C SER A 411 3.26 8.42 -3.96
N LYS A 412 2.90 9.54 -3.34
CA LYS A 412 3.53 10.79 -3.75
C LYS A 412 4.99 10.87 -3.30
N GLY A 413 5.27 10.34 -2.10
CA GLY A 413 6.66 10.17 -1.68
C GLY A 413 7.49 9.40 -2.71
N ALA A 414 6.96 8.30 -3.17
CA ALA A 414 7.63 7.49 -4.22
C ALA A 414 7.78 8.31 -5.51
N SER A 415 6.73 9.00 -5.88
CA SER A 415 6.73 9.75 -7.16
C SER A 415 7.79 10.85 -7.13
N VAL A 416 7.84 11.61 -6.06
CA VAL A 416 8.78 12.73 -6.00
C VAL A 416 10.24 12.26 -5.84
N ILE A 417 10.47 11.21 -5.05
CA ILE A 417 11.80 10.67 -4.96
C ILE A 417 12.28 10.11 -6.31
N ARG A 418 11.38 9.49 -7.05
CA ARG A 418 11.71 8.98 -8.35
C ARG A 418 12.05 10.13 -9.32
N MET A 419 11.28 11.20 -9.25
CA MET A 419 11.58 12.40 -10.03
C MET A 419 12.98 12.93 -9.71
N LEU A 420 13.31 12.96 -8.42
CA LEU A 420 14.58 13.44 -7.94
C LEU A 420 15.75 12.60 -8.45
N SER A 421 15.65 11.28 -8.30
CA SER A 421 16.67 10.38 -8.81
C SER A 421 16.88 10.63 -10.33
N ASN A 422 15.78 10.84 -11.04
CA ASN A 422 15.83 10.97 -12.48
C ASN A 422 16.53 12.25 -12.94
N PHE A 423 16.27 13.37 -12.26
CA PHE A 423 16.89 14.62 -12.64
C PHE A 423 18.33 14.83 -12.11
N LEU A 424 18.65 14.09 -11.05
CA LEU A 424 20.04 13.95 -10.61
C LEU A 424 20.84 12.94 -11.45
N THR A 425 20.14 12.07 -12.15
CA THR A 425 20.66 10.77 -12.61
C THR A 425 20.89 9.78 -11.44
N GLU A 426 20.60 8.52 -11.70
CA GLU A 426 20.66 7.48 -10.68
C GLU A 426 22.07 7.34 -10.09
N ASP A 427 23.09 7.47 -10.92
CA ASP A 427 24.45 7.35 -10.39
C ASP A 427 24.75 8.40 -9.34
N LEU A 428 24.31 9.62 -9.61
CA LEU A 428 24.53 10.74 -8.71
C LEU A 428 23.63 10.60 -7.45
N PHE A 429 22.38 10.22 -7.68
CA PHE A 429 21.48 9.91 -6.58
C PHE A 429 22.08 8.88 -5.64
N LYS A 430 22.64 7.82 -6.21
CA LYS A 430 23.19 6.71 -5.40
C LYS A 430 24.42 7.14 -4.60
N GLU A 431 25.22 8.03 -5.16
CA GLU A 431 26.37 8.54 -4.45
C GLU A 431 25.97 9.30 -3.18
N GLY A 432 25.02 10.21 -3.31
CA GLY A 432 24.52 10.96 -2.15
C GLY A 432 23.83 10.06 -1.13
N LEU A 433 23.06 9.10 -1.64
CA LEU A 433 22.35 8.16 -0.78
C LEU A 433 23.34 7.33 0.07
N ALA A 434 24.42 6.87 -0.56
CA ALA A 434 25.48 6.13 0.13
C ALA A 434 26.15 7.01 1.16
N SER A 435 26.42 8.26 0.77
CA SER A 435 27.05 9.22 1.67
C SER A 435 26.13 9.45 2.91
N TYR A 436 24.83 9.53 2.67
CA TYR A 436 23.86 9.72 3.74
C TYR A 436 23.83 8.50 4.69
N LEU A 437 23.78 7.31 4.13
CA LEU A 437 23.72 6.09 4.94
C LEU A 437 24.98 5.90 5.79
N HIS A 438 26.15 6.18 5.20
CA HIS A 438 27.41 6.06 5.95
C HIS A 438 27.50 7.08 7.08
N ALA A 439 27.06 8.30 6.85
CA ALA A 439 27.19 9.36 7.84
C ALA A 439 26.25 9.14 9.03
N PHE A 440 25.07 8.58 8.76
CA PHE A 440 24.04 8.51 9.79
C PHE A 440 23.68 7.08 10.25
N ALA A 441 24.48 6.09 9.84
CA ALA A 441 24.34 4.71 10.30
C ALA A 441 24.08 4.61 11.83
N TYR A 442 23.04 3.85 12.19
CA TYR A 442 22.65 3.64 13.58
C TYR A 442 22.21 4.93 14.30
N GLN A 443 21.86 5.96 13.53
CA GLN A 443 21.42 7.22 14.13
C GLN A 443 20.09 7.67 13.47
N ASN A 444 19.77 8.97 13.57
CA ASN A 444 18.48 9.44 13.08
C ASN A 444 18.68 10.73 12.26
N THR A 445 17.72 11.01 11.40
CA THR A 445 17.85 12.08 10.42
C THR A 445 16.54 12.83 10.23
N THR A 446 16.60 13.96 9.52
CA THR A 446 15.43 14.52 8.86
C THR A 446 15.68 14.52 7.33
N TYR A 447 14.64 14.83 6.56
CA TYR A 447 14.75 14.80 5.12
C TYR A 447 15.81 15.80 4.66
N LEU A 448 16.02 16.84 5.46
CA LEU A 448 17.02 17.85 5.13
C LEU A 448 18.44 17.27 5.07
N ASP A 449 18.67 16.21 5.84
CA ASP A 449 19.96 15.55 5.86
C ASP A 449 20.22 14.81 4.57
N LEU A 450 19.18 14.20 4.01
CA LEU A 450 19.30 13.56 2.70
C LEU A 450 19.55 14.60 1.58
N TRP A 451 18.81 15.71 1.60
CA TRP A 451 19.03 16.78 0.63
C TRP A 451 20.49 17.26 0.68
N GLU A 452 21.03 17.39 1.88
CA GLU A 452 22.39 17.89 2.06
C GLU A 452 23.44 16.97 1.44
N HIS A 453 23.26 15.67 1.63
CA HIS A 453 24.16 14.69 1.06
C HIS A 453 24.00 14.55 -0.46
N LEU A 454 22.77 14.71 -0.95
CA LEU A 454 22.56 14.80 -2.39
C LEU A 454 23.25 16.05 -2.96
N GLN A 455 23.15 17.16 -2.25
CA GLN A 455 23.81 18.40 -2.66
C GLN A 455 25.34 18.25 -2.70
N LYS A 456 25.87 17.50 -1.74
CA LYS A 456 27.30 17.21 -1.71
C LYS A 456 27.73 16.47 -2.99
N ALA A 457 26.92 15.51 -3.44
CA ALA A 457 27.19 14.76 -4.65
C ALA A 457 27.10 15.66 -5.90
N VAL A 458 26.05 16.47 -5.96
CA VAL A 458 25.95 17.47 -7.03
C VAL A 458 27.17 18.39 -7.07
N ASP A 459 27.57 18.89 -5.91
CA ASP A 459 28.67 19.86 -5.86
C ASP A 459 30.00 19.25 -6.26
N ALA A 460 30.09 17.92 -6.14
CA ALA A 460 31.36 17.23 -6.41
C ALA A 460 31.49 16.77 -7.87
N GLN A 461 30.60 17.23 -8.75
CA GLN A 461 30.69 16.90 -10.18
C GLN A 461 30.29 18.11 -11.04
N THR A 462 30.46 18.01 -12.37
CA THR A 462 30.37 19.18 -13.25
C THR A 462 29.38 18.96 -14.39
N SER A 463 28.82 17.77 -14.43
CA SER A 463 28.02 17.27 -15.52
C SER A 463 26.56 17.69 -15.37
N ILE A 464 25.97 17.36 -14.22
CA ILE A 464 24.59 17.71 -13.92
C ILE A 464 24.54 19.10 -13.30
N ARG A 465 23.83 20.01 -13.95
CA ARG A 465 23.63 21.37 -13.46
C ARG A 465 22.14 21.62 -13.18
N LEU A 466 21.87 22.19 -11.99
CA LEU A 466 20.49 22.40 -11.54
C LEU A 466 20.22 23.90 -11.48
N PRO A 467 18.95 24.32 -11.63
CA PRO A 467 18.62 25.75 -11.63
C PRO A 467 18.66 26.33 -10.22
N ASP A 468 18.74 25.47 -9.22
CA ASP A 468 18.81 25.89 -7.85
C ASP A 468 19.35 24.71 -7.03
N THR A 469 19.44 24.88 -5.71
CA THR A 469 19.88 23.83 -4.82
C THR A 469 18.85 22.69 -4.80
N VAL A 470 19.30 21.49 -4.44
CA VAL A 470 18.41 20.36 -4.25
C VAL A 470 17.28 20.72 -3.27
N ARG A 471 17.64 21.34 -2.17
CA ARG A 471 16.67 21.72 -1.14
C ARG A 471 15.62 22.69 -1.69
N ALA A 472 16.06 23.73 -2.40
CA ALA A 472 15.15 24.70 -2.94
C ALA A 472 14.18 24.07 -3.94
N ILE A 473 14.69 23.14 -4.76
CA ILE A 473 13.84 22.46 -5.71
C ILE A 473 12.85 21.54 -5.02
N MET A 474 13.34 20.73 -4.09
CA MET A 474 12.49 19.73 -3.43
C MET A 474 11.47 20.41 -2.48
N ASP A 475 11.84 21.57 -1.94
CA ASP A 475 10.90 22.42 -1.22
C ASP A 475 9.58 22.67 -1.97
N ARG A 476 9.67 22.94 -3.28
CA ARG A 476 8.47 23.13 -4.09
C ARG A 476 7.57 21.87 -4.08
N TRP A 477 8.18 20.70 -3.94
CA TRP A 477 7.47 19.46 -4.13
C TRP A 477 7.04 18.82 -2.80
N THR A 478 7.52 19.40 -1.72
CA THR A 478 7.32 18.83 -0.38
C THR A 478 6.58 19.75 0.59
N LEU A 479 6.77 21.06 0.44
CA LEU A 479 6.16 22.03 1.37
C LEU A 479 4.76 22.50 0.95
N GLN A 480 4.42 22.35 -0.32
CA GLN A 480 3.06 22.65 -0.79
C GLN A 480 2.42 21.40 -1.35
N MET A 481 1.09 21.31 -1.23
CA MET A 481 0.35 20.16 -1.76
C MET A 481 0.24 20.27 -3.27
N GLY A 482 -0.25 19.20 -3.89
CA GLY A 482 -0.68 19.24 -5.27
C GLY A 482 0.50 19.22 -6.27
N PHE A 483 0.18 19.45 -7.53
CA PHE A 483 1.13 19.40 -8.63
C PHE A 483 0.59 20.26 -9.79
N PRO A 484 1.48 20.70 -10.71
CA PRO A 484 0.99 21.55 -11.78
C PRO A 484 0.50 20.76 -12.97
N VAL A 485 -0.42 21.34 -13.73
CA VAL A 485 -0.55 21.00 -15.13
C VAL A 485 0.36 21.95 -15.94
N ILE A 486 1.15 21.35 -16.82
CA ILE A 486 2.05 22.09 -17.70
C ILE A 486 1.38 22.14 -19.07
N THR A 487 1.06 23.35 -19.52
CA THR A 487 0.35 23.54 -20.77
C THR A 487 1.31 24.16 -21.81
N VAL A 488 1.34 23.58 -23.01
CA VAL A 488 2.23 24.02 -24.10
C VAL A 488 1.41 24.51 -25.31
N ASP A 489 1.72 25.72 -25.80
CA ASP A 489 1.24 26.17 -27.14
C ASP A 489 2.37 26.00 -28.17
N THR A 490 2.22 24.99 -29.07
CA THR A 490 3.37 24.58 -29.87
C THR A 490 3.52 25.50 -31.08
N LYS A 491 2.61 26.46 -31.20
CA LYS A 491 2.72 27.49 -32.23
C LYS A 491 3.79 28.52 -31.87
N THR A 492 3.98 28.71 -30.56
CA THR A 492 4.89 29.74 -30.04
C THR A 492 5.99 29.11 -29.20
N GLY A 493 5.74 27.90 -28.70
CA GLY A 493 6.57 27.34 -27.63
C GLY A 493 6.36 27.99 -26.26
N ASN A 494 5.25 28.72 -26.11
CA ASN A 494 4.84 29.20 -24.79
C ASN A 494 4.48 27.98 -23.88
N ILE A 495 4.94 28.02 -22.63
CA ILE A 495 4.73 26.91 -21.69
C ILE A 495 4.32 27.53 -20.35
N SER A 496 3.23 27.03 -19.78
CA SER A 496 2.77 27.54 -18.50
C SER A 496 2.55 26.43 -17.47
N GLN A 497 2.52 26.83 -16.22
CA GLN A 497 2.17 25.91 -15.12
C GLN A 497 1.08 26.55 -14.27
N LYS A 498 0.17 25.72 -13.78
CA LYS A 498 -0.76 26.15 -12.73
C LYS A 498 -1.19 24.95 -11.88
N HIS A 499 -1.48 25.19 -10.62
CA HIS A 499 -1.93 24.15 -9.72
C HIS A 499 -3.09 23.39 -10.37
N PHE A 500 -2.97 22.08 -10.51
CA PHE A 500 -4.01 21.29 -11.17
C PHE A 500 -5.04 20.73 -10.18
N LEU A 501 -6.31 21.08 -10.41
CA LEU A 501 -7.44 20.54 -9.68
C LEU A 501 -8.44 19.89 -10.61
N LEU A 502 -8.85 18.67 -10.30
CA LEU A 502 -9.89 17.99 -11.08
C LEU A 502 -11.20 18.77 -11.16
N ASP A 503 -11.57 19.43 -10.06
CA ASP A 503 -12.79 20.22 -10.02
C ASP A 503 -12.45 21.69 -10.34
N SER A 504 -12.82 22.11 -11.54
CA SER A 504 -12.44 23.45 -12.02
C SER A 504 -13.10 24.55 -11.21
N GLU A 505 -14.09 24.17 -10.38
CA GLU A 505 -14.77 25.13 -9.52
C GLU A 505 -14.30 25.11 -8.07
N SER A 506 -13.29 24.29 -7.79
CA SER A 506 -12.84 24.11 -6.42
C SER A 506 -12.22 25.40 -5.86
N ASN A 507 -12.46 25.67 -4.59
CA ASN A 507 -11.69 26.68 -3.87
C ASN A 507 -10.60 26.07 -2.99
N VAL A 508 -9.35 26.35 -3.37
CA VAL A 508 -8.21 26.02 -2.54
C VAL A 508 -8.10 27.06 -1.45
N THR A 509 -8.11 26.60 -0.20
CA THR A 509 -7.98 27.49 0.93
C THR A 509 -6.69 27.30 1.67
N ARG A 510 -5.99 26.19 1.40
CA ARG A 510 -4.67 25.99 1.98
C ARG A 510 -3.67 26.87 1.24
N SER A 511 -3.07 27.82 1.96
CA SER A 511 -2.12 28.70 1.29
C SER A 511 -0.77 28.00 1.11
N SER A 512 -0.02 28.46 0.10
CA SER A 512 1.34 27.99 -0.09
C SER A 512 2.34 29.15 -0.04
N ALA A 513 3.49 28.86 0.57
CA ALA A 513 4.60 29.80 0.61
C ALA A 513 5.10 30.15 -0.80
N PHE A 514 4.71 29.35 -1.80
CA PHE A 514 5.23 29.51 -3.15
C PHE A 514 4.18 29.92 -4.17
N ASP A 515 2.99 30.28 -3.69
CA ASP A 515 1.87 30.63 -4.57
C ASP A 515 1.55 29.52 -5.56
N TYR A 516 1.71 28.28 -5.14
CA TYR A 516 1.49 27.12 -6.02
C TYR A 516 2.21 27.27 -7.37
N LEU A 517 3.49 27.57 -7.28
CA LEU A 517 4.41 27.53 -8.40
C LEU A 517 5.51 26.51 -8.09
N TRP A 518 5.89 25.74 -9.10
CA TRP A 518 6.89 24.72 -8.92
C TRP A 518 8.15 25.00 -9.76
N ILE A 519 9.26 24.40 -9.35
CA ILE A 519 10.43 24.26 -10.23
C ILE A 519 10.42 22.87 -10.86
N VAL A 520 10.20 22.83 -12.17
CA VAL A 520 9.73 21.62 -12.84
C VAL A 520 10.76 21.10 -13.86
N PRO A 521 11.26 19.87 -13.65
CA PRO A 521 12.12 19.25 -14.63
C PRO A 521 11.33 18.69 -15.81
N ILE A 522 11.64 19.18 -17.01
CA ILE A 522 10.85 18.86 -18.18
C ILE A 522 11.70 18.21 -19.26
N SER A 523 11.52 16.91 -19.43
CA SER A 523 12.05 16.21 -20.59
C SER A 523 11.03 16.25 -21.72
N SER A 524 11.49 16.03 -22.93
CA SER A 524 10.62 16.09 -24.08
C SER A 524 11.19 15.33 -25.25
N ILE A 525 10.30 14.87 -26.10
CA ILE A 525 10.64 14.11 -27.28
C ILE A 525 9.99 14.86 -28.46
N LYS A 526 10.76 15.12 -29.51
CA LYS A 526 10.18 15.70 -30.72
C LYS A 526 10.33 14.76 -31.89
N ASN A 527 9.21 14.41 -32.52
CA ASN A 527 9.20 13.42 -33.60
C ASN A 527 9.95 12.14 -33.20
N GLY A 528 9.80 11.74 -31.96
CA GLY A 528 10.39 10.49 -31.50
C GLY A 528 11.87 10.59 -31.16
N VAL A 529 12.43 11.79 -31.21
CA VAL A 529 13.81 12.02 -30.86
C VAL A 529 13.95 12.83 -29.57
N MET A 530 14.74 12.34 -28.63
CA MET A 530 14.96 13.03 -27.36
C MET A 530 15.51 14.44 -27.54
N GLN A 531 14.97 15.38 -26.79
CA GLN A 531 15.43 16.77 -26.84
C GLN A 531 16.29 17.08 -25.64
N ASP A 532 16.97 18.21 -25.67
CA ASP A 532 17.70 18.64 -24.48
C ASP A 532 16.69 18.85 -23.35
N HIS A 533 17.11 18.46 -22.15
CA HIS A 533 16.34 18.68 -20.94
C HIS A 533 16.14 20.16 -20.67
N TYR A 534 15.02 20.49 -20.01
CA TYR A 534 14.62 21.87 -19.74
C TYR A 534 14.13 21.97 -18.29
N TRP A 535 14.39 23.07 -17.62
CA TRP A 535 13.78 23.37 -16.34
C TRP A 535 12.84 24.57 -16.43
N LEU A 536 11.57 24.38 -16.09
CA LEU A 536 10.67 25.49 -15.87
C LEU A 536 10.92 26.09 -14.48
N ARG A 537 11.32 27.35 -14.45
CA ARG A 537 11.58 28.02 -13.18
C ARG A 537 10.27 28.36 -12.46
N ASP A 538 10.37 28.92 -11.26
CA ASP A 538 9.17 29.27 -10.49
C ASP A 538 8.48 30.49 -11.13
N VAL A 539 8.04 30.31 -12.37
CA VAL A 539 7.27 31.34 -13.09
C VAL A 539 5.99 30.75 -13.66
N SER A 540 4.96 31.60 -13.75
CA SER A 540 3.68 31.24 -14.38
C SER A 540 3.87 30.80 -15.83
N GLN A 541 4.69 31.56 -16.54
CA GLN A 541 4.74 31.49 -17.99
C GLN A 541 6.19 31.64 -18.46
N ALA A 542 6.57 30.83 -19.43
CA ALA A 542 7.87 30.96 -20.08
C ALA A 542 7.76 30.61 -21.56
N GLN A 543 8.85 30.77 -22.29
CA GLN A 543 8.92 30.36 -23.68
C GLN A 543 10.24 29.67 -23.97
N ASN A 544 10.17 28.59 -24.74
CA ASN A 544 11.36 27.98 -25.27
C ASN A 544 11.11 27.28 -26.60
N ASP A 545 12.08 27.36 -27.49
CA ASP A 545 11.97 26.79 -28.81
C ASP A 545 11.92 25.27 -28.81
N LEU A 546 12.37 24.67 -27.71
CA LEU A 546 12.14 23.24 -27.49
C LEU A 546 10.68 22.83 -27.72
N PHE A 547 9.75 23.71 -27.34
CA PHE A 547 8.32 23.38 -27.35
C PHE A 547 7.59 24.08 -28.49
N LYS A 548 8.37 24.60 -29.45
CA LYS A 548 7.79 25.19 -30.66
C LYS A 548 7.92 24.17 -31.78
N THR A 549 6.82 23.99 -32.54
CA THR A 549 6.75 22.94 -33.55
C THR A 549 6.49 23.53 -34.94
N ALA A 550 6.84 22.78 -35.98
CA ALA A 550 6.32 23.05 -37.32
C ALA A 550 4.91 22.49 -37.43
N SER A 551 4.28 22.68 -38.59
CA SER A 551 2.93 22.22 -38.81
C SER A 551 2.82 20.70 -38.81
N ASP A 552 3.87 20.04 -39.31
CA ASP A 552 3.83 18.57 -39.47
C ASP A 552 4.66 17.87 -38.40
N ASP A 553 5.15 18.61 -37.40
CA ASP A 553 5.90 18.00 -36.31
C ASP A 553 5.08 17.94 -35.01
N TRP A 554 5.50 17.09 -34.10
CA TRP A 554 4.86 17.04 -32.79
C TRP A 554 5.90 17.01 -31.67
N VAL A 555 5.50 17.50 -30.51
CA VAL A 555 6.32 17.43 -29.31
C VAL A 555 5.52 16.80 -28.16
N LEU A 556 6.23 16.17 -27.25
CA LEU A 556 5.58 15.46 -26.15
C LEU A 556 6.47 15.58 -24.94
N LEU A 557 5.91 16.04 -23.82
CA LEU A 557 6.68 16.32 -22.62
C LEU A 557 6.61 15.21 -21.58
N ASN A 558 7.61 15.16 -20.72
CA ASN A 558 7.63 14.28 -19.54
C ASN A 558 7.77 12.82 -19.96
N VAL A 559 8.93 12.53 -20.55
CA VAL A 559 9.16 11.20 -21.08
C VAL A 559 9.11 10.21 -19.93
N ASN A 560 8.32 9.16 -20.12
CA ASN A 560 8.17 8.12 -19.14
C ASN A 560 7.52 8.58 -17.82
N VAL A 561 6.86 9.74 -17.88
CA VAL A 561 6.29 10.41 -16.71
C VAL A 561 7.21 10.32 -15.47
N THR A 562 8.47 10.73 -15.65
CA THR A 562 9.39 10.81 -14.52
C THR A 562 9.01 11.99 -13.62
N GLY A 563 8.39 13.00 -14.23
CA GLY A 563 8.05 14.22 -13.49
C GLY A 563 6.65 14.15 -12.91
N TYR A 564 6.50 14.66 -11.68
CA TYR A 564 5.21 14.63 -11.01
C TYR A 564 4.29 15.77 -11.51
N PHE A 565 3.84 15.65 -12.75
CA PHE A 565 2.93 16.63 -13.33
C PHE A 565 2.19 16.04 -14.52
N GLN A 566 1.14 16.71 -14.94
CA GLN A 566 0.41 16.31 -16.13
C GLN A 566 0.56 17.38 -17.20
N VAL A 567 0.35 16.98 -18.46
CA VAL A 567 0.65 17.84 -19.59
C VAL A 567 -0.55 18.07 -20.52
N ASN A 568 -0.79 19.32 -20.84
CA ASN A 568 -1.74 19.67 -21.90
C ASN A 568 -1.04 20.35 -23.09
N TYR A 569 -1.64 20.18 -24.28
CA TYR A 569 -1.18 20.84 -25.49
C TYR A 569 -2.31 21.61 -26.15
N ASP A 570 -1.97 22.48 -27.11
CA ASP A 570 -2.95 22.94 -28.10
C ASP A 570 -3.53 21.76 -28.88
N GLU A 571 -4.69 21.96 -29.51
CA GLU A 571 -5.39 20.89 -30.19
C GLU A 571 -4.61 20.35 -31.40
N ASP A 572 -3.93 21.24 -32.10
CA ASP A 572 -3.12 20.84 -33.24
C ASP A 572 -2.09 19.78 -32.84
N ASN A 573 -1.32 20.07 -31.80
CA ASN A 573 -0.33 19.12 -31.31
C ASN A 573 -0.93 17.81 -30.84
N TRP A 574 -2.07 17.90 -30.15
CA TRP A 574 -2.85 16.71 -29.81
C TRP A 574 -3.17 15.86 -31.06
N ARG A 575 -3.62 16.52 -32.13
CA ARG A 575 -3.98 15.75 -33.31
C ARG A 575 -2.76 15.13 -33.95
N MET A 576 -1.70 15.87 -34.07
CA MET A 576 -0.43 15.30 -34.53
C MET A 576 0.02 14.07 -33.72
N ILE A 577 -0.12 14.15 -32.39
CA ILE A 577 0.22 13.01 -31.54
C ILE A 577 -0.71 11.83 -31.84
N GLN A 578 -1.99 12.13 -32.02
CA GLN A 578 -3.00 11.14 -32.39
C GLN A 578 -2.69 10.43 -33.71
N HIS A 579 -2.25 11.17 -34.71
CA HIS A 579 -1.91 10.56 -36.01
C HIS A 579 -0.64 9.71 -35.95
N GLN A 580 0.31 10.12 -35.10
CA GLN A 580 1.50 9.32 -34.86
C GLN A 580 1.15 7.97 -34.25
N LEU A 581 0.33 8.00 -33.20
CA LEU A 581 -0.13 6.77 -32.56
C LEU A 581 -0.95 5.93 -33.51
N GLN A 582 -1.65 6.58 -34.42
CA GLN A 582 -2.41 5.89 -35.47
C GLN A 582 -1.52 5.16 -36.48
N THR A 583 -0.40 5.77 -36.85
CA THR A 583 0.34 5.34 -38.03
C THR A 583 1.62 4.56 -37.70
N ASN A 584 2.34 4.96 -36.66
CA ASN A 584 3.43 4.17 -36.10
C ASN A 584 3.63 4.48 -34.62
N LEU A 585 2.94 3.71 -33.77
CA LEU A 585 2.88 4.02 -32.33
C LEU A 585 4.20 3.81 -31.61
N SER A 586 5.12 3.04 -32.21
CA SER A 586 6.33 2.62 -31.50
C SER A 586 7.38 3.74 -31.44
N VAL A 587 7.11 4.83 -32.13
CA VAL A 587 7.92 6.04 -32.03
C VAL A 587 7.77 6.73 -30.68
N ILE A 588 6.66 6.46 -30.00
CA ILE A 588 6.41 7.02 -28.67
C ILE A 588 6.52 5.96 -27.59
N PRO A 589 7.34 6.22 -26.55
CA PRO A 589 7.55 5.25 -25.48
C PRO A 589 6.23 4.76 -24.90
N VAL A 590 6.15 3.48 -24.56
CA VAL A 590 4.90 2.87 -24.12
C VAL A 590 4.30 3.61 -22.91
N ILE A 591 5.12 4.04 -21.97
CA ILE A 591 4.61 4.79 -20.83
C ILE A 591 3.92 6.07 -21.29
N ASN A 592 4.46 6.72 -22.32
CA ASN A 592 3.84 7.93 -22.83
C ASN A 592 2.57 7.70 -23.64
N ARG A 593 2.49 6.55 -24.31
CA ARG A 593 1.25 6.15 -24.93
C ARG A 593 0.15 6.01 -23.89
N ALA A 594 0.52 5.66 -22.66
CA ALA A 594 -0.45 5.61 -21.56
C ALA A 594 -0.75 7.00 -21.04
N GLN A 595 0.32 7.79 -20.89
CA GLN A 595 0.24 9.16 -20.38
C GLN A 595 -0.80 10.01 -21.10
N VAL A 596 -0.76 9.93 -22.43
CA VAL A 596 -1.65 10.69 -23.28
C VAL A 596 -3.11 10.42 -22.93
N ILE A 597 -3.41 9.18 -22.60
CA ILE A 597 -4.75 8.80 -22.14
C ILE A 597 -5.04 9.25 -20.69
N TYR A 598 -4.13 8.96 -19.77
CA TYR A 598 -4.32 9.34 -18.39
C TYR A 598 -4.55 10.83 -18.24
N ASP A 599 -3.63 11.62 -18.77
CA ASP A 599 -3.69 13.07 -18.66
C ASP A 599 -4.94 13.65 -19.33
N SER A 600 -5.24 13.21 -20.53
CA SER A 600 -6.34 13.80 -21.29
C SER A 600 -7.71 13.56 -20.65
N PHE A 601 -7.90 12.39 -20.01
CA PHE A 601 -9.14 12.19 -19.28
C PHE A 601 -9.21 13.05 -18.02
N ASN A 602 -8.08 13.24 -17.34
CA ASN A 602 -8.05 14.13 -16.18
C ASN A 602 -8.30 15.59 -16.60
N LEU A 603 -7.64 16.02 -17.68
CA LEU A 603 -7.88 17.33 -18.26
C LEU A 603 -9.34 17.56 -18.69
N ALA A 604 -9.96 16.53 -19.25
CA ALA A 604 -11.39 16.63 -19.61
C ALA A 604 -12.24 16.83 -18.36
N THR A 605 -11.98 16.04 -17.32
CA THR A 605 -12.63 16.22 -16.02
C THR A 605 -12.53 17.68 -15.55
N ALA A 606 -11.35 18.28 -15.72
CA ALA A 606 -11.06 19.61 -15.21
C ALA A 606 -11.47 20.69 -16.18
N HIS A 607 -12.11 20.27 -17.28
CA HIS A 607 -12.62 21.18 -18.33
C HIS A 607 -11.53 21.91 -19.10
N MET A 608 -10.36 21.29 -19.23
CA MET A 608 -9.24 21.90 -19.93
C MET A 608 -9.08 21.39 -21.35
N VAL A 609 -9.69 20.24 -21.61
CA VAL A 609 -9.93 19.76 -22.98
C VAL A 609 -11.38 19.24 -23.08
N PRO A 610 -11.92 19.16 -24.31
CA PRO A 610 -13.22 18.50 -24.44
C PRO A 610 -13.12 17.00 -24.25
N VAL A 611 -14.17 16.38 -23.73
CA VAL A 611 -14.14 14.95 -23.44
C VAL A 611 -13.95 14.11 -24.69
N THR A 612 -14.32 14.67 -25.85
CA THR A 612 -14.12 14.00 -27.11
C THR A 612 -12.64 13.92 -27.51
N LEU A 613 -11.81 14.86 -27.00
CA LEU A 613 -10.37 14.78 -27.23
C LEU A 613 -9.74 13.63 -26.45
N ALA A 614 -10.19 13.45 -25.21
CA ALA A 614 -9.78 12.30 -24.41
C ALA A 614 -10.19 10.99 -25.08
N LEU A 615 -11.44 10.90 -25.52
CA LEU A 615 -11.91 9.74 -26.28
C LEU A 615 -11.11 9.50 -27.57
N ASP A 616 -10.91 10.56 -28.36
CA ASP A 616 -10.04 10.49 -29.54
C ASP A 616 -8.69 9.83 -29.23
N ASN A 617 -8.17 10.08 -28.02
CA ASN A 617 -6.88 9.54 -27.61
C ASN A 617 -6.90 8.03 -27.36
N THR A 618 -8.09 7.42 -27.41
CA THR A 618 -8.21 5.97 -27.30
C THR A 618 -8.30 5.27 -28.66
N LEU A 619 -8.43 6.05 -29.74
CA LEU A 619 -8.67 5.51 -31.05
C LEU A 619 -7.52 4.68 -31.58
N PHE A 620 -6.31 4.98 -31.11
CA PHE A 620 -5.13 4.21 -31.55
C PHE A 620 -5.08 2.80 -31.00
N LEU A 621 -5.87 2.52 -29.96
CA LEU A 621 -5.72 1.28 -29.19
C LEU A 621 -5.97 0.01 -29.99
N ASN A 622 -6.73 0.14 -31.08
CA ASN A 622 -6.99 -1.03 -31.92
C ASN A 622 -5.72 -1.65 -32.49
N GLY A 623 -4.61 -0.90 -32.47
CA GLY A 623 -3.32 -1.43 -32.90
C GLY A 623 -2.34 -1.64 -31.76
N GLU A 624 -2.80 -1.40 -30.53
CA GLU A 624 -1.94 -1.45 -29.34
C GLU A 624 -1.88 -2.85 -28.77
N LYS A 625 -0.68 -3.38 -28.59
CA LYS A 625 -0.51 -4.73 -28.04
C LYS A 625 -0.14 -4.69 -26.55
N GLU A 626 0.39 -3.55 -26.10
CA GLU A 626 1.08 -3.51 -24.82
C GLU A 626 0.15 -3.13 -23.67
N TYR A 627 0.56 -3.49 -22.46
CA TYR A 627 -0.33 -3.44 -21.31
C TYR A 627 -0.79 -2.03 -21.00
N MET A 628 0.15 -1.11 -20.80
CA MET A 628 -0.13 0.11 -20.05
C MET A 628 -1.11 1.07 -20.70
N PRO A 629 -0.98 1.29 -22.02
CA PRO A 629 -1.92 2.21 -22.64
C PRO A 629 -3.36 1.69 -22.53
N TRP A 630 -3.53 0.38 -22.68
CA TRP A 630 -4.86 -0.23 -22.55
C TRP A 630 -5.35 -0.10 -21.10
N GLN A 631 -4.43 -0.27 -20.15
CA GLN A 631 -4.77 -0.07 -18.75
C GLN A 631 -5.20 1.38 -18.49
N ALA A 632 -4.49 2.32 -19.09
CA ALA A 632 -4.86 3.74 -19.00
C ALA A 632 -6.31 3.93 -19.44
N ALA A 633 -6.65 3.35 -20.60
CA ALA A 633 -8.01 3.47 -21.14
C ALA A 633 -9.04 2.80 -20.23
N LEU A 634 -8.72 1.60 -19.75
CA LEU A 634 -9.68 0.87 -18.95
C LEU A 634 -9.94 1.58 -17.62
N SER A 635 -8.90 2.12 -17.01
CA SER A 635 -9.03 2.86 -15.75
C SER A 635 -9.82 4.14 -15.94
N SER A 636 -9.58 4.83 -17.05
CA SER A 636 -10.24 6.11 -17.34
C SER A 636 -11.70 5.93 -17.72
N LEU A 637 -12.03 4.80 -18.33
CA LEU A 637 -13.39 4.55 -18.80
C LEU A 637 -14.27 3.84 -17.79
N SER A 638 -13.69 3.28 -16.74
CA SER A 638 -14.52 2.58 -15.74
C SER A 638 -15.63 3.47 -15.16
N TYR A 639 -15.33 4.78 -15.01
CA TYR A 639 -16.35 5.74 -14.59
C TYR A 639 -17.45 5.89 -15.65
N PHE A 640 -17.06 5.88 -16.91
CA PHE A 640 -18.05 6.00 -18.01
C PHE A 640 -18.97 4.79 -18.00
N SER A 641 -18.39 3.62 -17.75
CA SER A 641 -19.18 2.41 -17.56
C SER A 641 -20.12 2.56 -16.36
N LEU A 642 -19.60 3.10 -15.28
CA LEU A 642 -20.38 3.27 -14.05
C LEU A 642 -21.58 4.20 -14.24
N MET A 643 -21.40 5.26 -15.02
CA MET A 643 -22.47 6.24 -15.21
C MET A 643 -23.48 5.79 -16.24
N PHE A 644 -23.00 5.07 -17.27
CA PHE A 644 -23.78 4.87 -18.50
C PHE A 644 -24.27 3.44 -18.71
N ASP A 645 -23.83 2.49 -17.90
CA ASP A 645 -24.12 1.10 -18.23
C ASP A 645 -25.60 0.68 -18.09
N ARG A 646 -26.45 1.64 -17.68
CA ARG A 646 -27.89 1.43 -17.65
C ARG A 646 -28.62 2.37 -18.61
N SER A 647 -27.87 2.98 -19.52
CA SER A 647 -28.39 4.04 -20.35
C SER A 647 -28.21 3.70 -21.84
N GLU A 648 -28.87 4.48 -22.69
CA GLU A 648 -28.71 4.39 -24.12
C GLU A 648 -27.26 4.51 -24.62
N VAL A 649 -26.39 5.08 -23.79
CA VAL A 649 -24.99 5.25 -24.17
C VAL A 649 -24.27 3.91 -24.28
N TYR A 650 -24.77 2.89 -23.59
CA TYR A 650 -23.95 1.73 -23.31
C TYR A 650 -23.73 0.85 -24.51
N GLY A 651 -24.74 0.75 -25.37
CA GLY A 651 -24.62 -0.08 -26.58
C GLY A 651 -23.48 0.37 -27.49
N PRO A 652 -23.51 1.65 -27.90
CA PRO A 652 -22.43 2.24 -28.66
C PRO A 652 -21.07 2.20 -27.95
N MET A 653 -21.08 2.34 -26.63
CA MET A 653 -19.84 2.20 -25.86
C MET A 653 -19.27 0.78 -25.94
N LYS A 654 -20.14 -0.21 -25.74
CA LYS A 654 -19.73 -1.62 -25.83
C LYS A 654 -19.25 -1.91 -27.23
N LYS A 655 -19.97 -1.39 -28.22
CA LYS A 655 -19.66 -1.65 -29.61
C LYS A 655 -18.29 -1.07 -29.99
N TYR A 656 -18.02 0.16 -29.55
CA TYR A 656 -16.73 0.78 -29.78
C TYR A 656 -15.58 -0.03 -29.12
N LEU A 657 -15.81 -0.48 -27.90
CA LEU A 657 -14.77 -1.23 -27.17
C LEU A 657 -14.55 -2.61 -27.77
N ARG A 658 -15.64 -3.26 -28.21
CA ARG A 658 -15.54 -4.50 -29.00
C ARG A 658 -14.67 -4.32 -30.24
N LYS A 659 -14.89 -3.22 -30.95
CA LYS A 659 -14.13 -2.91 -32.14
C LYS A 659 -12.64 -2.75 -31.81
N GLN A 660 -12.36 -2.04 -30.71
CA GLN A 660 -10.99 -1.72 -30.34
C GLN A 660 -10.21 -2.96 -29.89
N VAL A 661 -10.90 -3.87 -29.20
CA VAL A 661 -10.21 -4.95 -28.52
C VAL A 661 -10.12 -6.25 -29.34
N GLU A 662 -10.92 -6.33 -30.42
CA GLU A 662 -10.96 -7.55 -31.21
C GLU A 662 -9.60 -7.93 -31.77
N PRO A 663 -8.88 -6.95 -32.35
CA PRO A 663 -7.55 -7.23 -32.89
C PRO A 663 -6.57 -7.73 -31.82
N LEU A 664 -6.62 -7.15 -30.62
CA LEU A 664 -5.84 -7.66 -29.50
C LEU A 664 -6.21 -9.08 -29.11
N PHE A 665 -7.52 -9.36 -29.03
CA PHE A 665 -7.99 -10.71 -28.79
C PHE A 665 -7.47 -11.67 -29.86
N GLN A 666 -7.60 -11.27 -31.11
CA GLN A 666 -7.10 -12.11 -32.22
C GLN A 666 -5.58 -12.31 -32.12
N HIS A 667 -4.86 -11.27 -31.72
CA HIS A 667 -3.41 -11.36 -31.59
C HIS A 667 -3.01 -12.42 -30.57
N PHE A 668 -3.62 -12.40 -29.38
CA PHE A 668 -3.29 -13.34 -28.34
C PHE A 668 -3.78 -14.74 -28.65
N GLU A 669 -4.95 -14.85 -29.29
CA GLU A 669 -5.45 -16.15 -29.72
C GLU A 669 -4.38 -16.90 -30.51
N THR A 670 -3.69 -16.17 -31.38
CA THR A 670 -2.58 -16.74 -32.18
C THR A 670 -1.32 -16.91 -31.35
N LEU A 671 -0.88 -15.83 -30.69
CA LEU A 671 0.33 -15.83 -29.90
C LEU A 671 0.36 -16.93 -28.85
N THR A 672 -0.78 -17.18 -28.21
CA THR A 672 -0.86 -18.13 -27.10
C THR A 672 -1.13 -19.55 -27.60
N LYS A 673 -1.10 -19.73 -28.93
CA LYS A 673 -1.37 -21.01 -29.58
C LYS A 673 -2.74 -21.58 -29.18
N ASN A 674 -3.78 -20.79 -29.42
CA ASN A 674 -5.14 -21.14 -29.01
C ASN A 674 -5.25 -21.23 -27.50
N TRP A 675 -4.61 -20.29 -26.82
CA TRP A 675 -4.79 -20.13 -25.37
C TRP A 675 -4.14 -21.23 -24.55
N THR A 676 -3.33 -22.08 -25.18
CA THR A 676 -2.66 -23.17 -24.48
C THR A 676 -1.40 -22.74 -23.73
N GLU A 677 -0.77 -21.65 -24.17
CA GLU A 677 0.42 -21.15 -23.48
C GLU A 677 0.43 -19.63 -23.30
N ARG A 678 0.64 -19.21 -22.07
CA ARG A 678 0.68 -17.79 -21.73
C ARG A 678 1.84 -17.09 -22.42
N PRO A 679 1.71 -15.77 -22.64
CA PRO A 679 2.88 -15.01 -23.08
C PRO A 679 4.01 -15.09 -22.02
N GLU A 680 5.23 -14.80 -22.42
CA GLU A 680 6.38 -15.10 -21.58
C GLU A 680 6.60 -14.08 -20.44
N ASN A 681 6.69 -12.80 -20.79
CA ASN A 681 6.96 -11.78 -19.78
C ASN A 681 5.71 -11.18 -19.14
N LEU A 682 5.90 -10.49 -18.03
CA LEU A 682 4.79 -10.06 -17.19
C LEU A 682 3.85 -9.06 -17.90
N MET A 683 4.42 -8.04 -18.55
CA MET A 683 3.62 -7.03 -19.21
C MET A 683 2.67 -7.62 -20.24
N ASP A 684 3.17 -8.61 -20.98
CA ASP A 684 2.37 -9.25 -22.02
C ASP A 684 1.29 -10.13 -21.44
N GLN A 685 1.59 -10.78 -20.32
CA GLN A 685 0.58 -11.53 -19.57
C GLN A 685 -0.53 -10.59 -19.07
N TYR A 686 -0.13 -9.47 -18.47
CA TYR A 686 -1.09 -8.44 -18.04
C TYR A 686 -1.96 -7.98 -19.20
N SER A 687 -1.35 -7.76 -20.36
CA SER A 687 -2.10 -7.31 -21.52
C SER A 687 -3.12 -8.37 -21.94
N GLU A 688 -2.70 -9.63 -21.97
CA GLU A 688 -3.63 -10.74 -22.23
C GLU A 688 -4.77 -10.80 -21.23
N ILE A 689 -4.46 -10.65 -19.94
CA ILE A 689 -5.48 -10.63 -18.91
C ILE A 689 -6.52 -9.54 -19.18
N ASN A 690 -6.07 -8.32 -19.43
CA ASN A 690 -6.98 -7.21 -19.69
C ASN A 690 -7.78 -7.39 -21.00
N ALA A 691 -7.10 -7.89 -22.04
CA ALA A 691 -7.73 -8.03 -23.35
C ALA A 691 -8.90 -9.01 -23.27
N ILE A 692 -8.70 -10.11 -22.56
CA ILE A 692 -9.76 -11.09 -22.33
C ILE A 692 -10.87 -10.54 -21.46
N SER A 693 -10.50 -9.84 -20.39
CA SER A 693 -11.47 -9.14 -19.55
C SER A 693 -12.34 -8.17 -20.38
N THR A 694 -11.67 -7.31 -21.15
CA THR A 694 -12.34 -6.30 -21.94
C THR A 694 -13.23 -6.93 -23.02
N ALA A 695 -12.68 -7.90 -23.73
CA ALA A 695 -13.45 -8.59 -24.76
C ALA A 695 -14.70 -9.21 -24.16
N CYS A 696 -14.52 -9.96 -23.08
CA CYS A 696 -15.62 -10.76 -22.53
C CYS A 696 -16.71 -9.89 -21.89
N SER A 697 -16.30 -8.87 -21.14
CA SER A 697 -17.24 -7.96 -20.49
C SER A 697 -17.98 -7.04 -21.48
N ASN A 698 -17.44 -6.90 -22.69
CA ASN A 698 -18.10 -6.10 -23.73
C ASN A 698 -18.81 -6.96 -24.79
N GLY A 699 -18.85 -8.25 -24.56
CA GLY A 699 -19.69 -9.15 -25.33
C GLY A 699 -19.14 -9.52 -26.70
N LEU A 700 -17.82 -9.71 -26.79
CA LEU A 700 -17.22 -10.30 -27.98
C LEU A 700 -17.54 -11.80 -28.05
N PRO A 701 -18.26 -12.23 -29.09
CA PRO A 701 -18.68 -13.64 -29.15
C PRO A 701 -17.50 -14.62 -29.01
N GLN A 702 -16.35 -14.31 -29.61
CA GLN A 702 -15.21 -15.20 -29.54
C GLN A 702 -14.70 -15.41 -28.11
N CYS A 703 -14.79 -14.37 -27.28
CA CYS A 703 -14.41 -14.50 -25.85
C CYS A 703 -15.48 -15.21 -25.04
N GLU A 704 -16.74 -14.82 -25.25
CA GLU A 704 -17.88 -15.51 -24.63
C GLU A 704 -17.81 -17.03 -24.87
N ASN A 705 -17.43 -17.41 -26.09
CA ASN A 705 -17.34 -18.82 -26.45
C ASN A 705 -16.18 -19.55 -25.78
N LEU A 706 -15.03 -18.88 -25.73
CA LEU A 706 -13.87 -19.38 -24.97
C LEU A 706 -14.23 -19.64 -23.51
N ALA A 707 -14.92 -18.67 -22.91
CA ALA A 707 -15.31 -18.76 -21.50
C ALA A 707 -16.27 -19.92 -21.24
N LYS A 708 -17.23 -20.12 -22.15
CA LYS A 708 -18.17 -21.22 -22.04
C LYS A 708 -17.51 -22.59 -22.24
N THR A 709 -16.60 -22.69 -23.20
CA THR A 709 -15.89 -23.94 -23.46
C THR A 709 -15.04 -24.39 -22.27
N LEU A 710 -14.23 -23.48 -21.73
CA LEU A 710 -13.35 -23.81 -20.62
C LEU A 710 -14.12 -24.20 -19.38
N PHE A 711 -15.19 -23.47 -19.09
CA PHE A 711 -15.99 -23.72 -17.89
C PHE A 711 -16.80 -25.01 -18.03
N ASP A 712 -17.38 -25.25 -19.20
CA ASP A 712 -17.94 -26.56 -19.54
C ASP A 712 -16.92 -27.66 -19.24
N GLN A 713 -15.71 -27.48 -19.76
CA GLN A 713 -14.65 -28.46 -19.63
C GLN A 713 -14.27 -28.71 -18.16
N TRP A 714 -14.22 -27.65 -17.37
CA TRP A 714 -13.94 -27.79 -15.95
C TRP A 714 -15.05 -28.55 -15.24
N MET A 715 -16.30 -28.27 -15.61
CA MET A 715 -17.44 -28.90 -14.97
C MET A 715 -17.52 -30.39 -15.27
N SER A 716 -17.00 -30.80 -16.42
CA SER A 716 -16.95 -32.21 -16.79
C SER A 716 -15.75 -32.93 -16.14
N ASP A 717 -14.78 -32.16 -15.64
CA ASP A 717 -13.60 -32.73 -14.98
C ASP A 717 -13.15 -31.87 -13.80
N PRO A 718 -13.95 -31.85 -12.72
CA PRO A 718 -13.83 -30.89 -11.63
C PRO A 718 -12.46 -30.82 -10.95
N GLU A 719 -11.76 -31.95 -10.91
CA GLU A 719 -10.48 -32.01 -10.20
C GLU A 719 -9.31 -31.54 -11.06
N ASN A 720 -9.54 -31.42 -12.37
CA ASN A 720 -8.54 -30.87 -13.29
C ASN A 720 -8.97 -29.55 -13.89
N ASN A 721 -8.68 -28.46 -13.19
CA ASN A 721 -9.07 -27.14 -13.64
C ASN A 721 -8.27 -26.72 -14.88
N PRO A 722 -8.95 -26.52 -16.01
CA PRO A 722 -8.26 -26.25 -17.25
C PRO A 722 -7.93 -24.79 -17.45
N ILE A 723 -8.37 -23.94 -16.51
CA ILE A 723 -8.28 -22.49 -16.71
C ILE A 723 -7.08 -21.92 -15.98
N HIS A 724 -6.15 -21.32 -16.73
CA HIS A 724 -4.97 -20.74 -16.13
C HIS A 724 -5.32 -19.65 -15.12
N PRO A 725 -4.68 -19.66 -13.92
CA PRO A 725 -4.97 -18.71 -12.87
C PRO A 725 -5.03 -17.24 -13.34
N ASN A 726 -4.28 -16.90 -14.40
CA ASN A 726 -4.33 -15.55 -14.95
C ASN A 726 -5.73 -15.20 -15.43
N LEU A 727 -6.39 -16.17 -16.07
CA LEU A 727 -7.65 -15.93 -16.78
C LEU A 727 -8.88 -16.25 -15.92
N ARG A 728 -8.65 -16.71 -14.70
CA ARG A 728 -9.74 -17.32 -13.93
C ARG A 728 -10.87 -16.37 -13.60
N SER A 729 -10.53 -15.16 -13.16
CA SER A 729 -11.55 -14.19 -12.77
C SER A 729 -12.52 -13.85 -13.92
N THR A 730 -11.98 -13.66 -15.13
CA THR A 730 -12.81 -13.38 -16.29
C THR A 730 -13.61 -14.61 -16.72
N ILE A 731 -12.95 -15.73 -16.90
CA ILE A 731 -13.61 -16.92 -17.42
C ILE A 731 -14.71 -17.41 -16.49
N TYR A 732 -14.43 -17.46 -15.19
CA TYR A 732 -15.46 -17.78 -14.20
C TYR A 732 -16.66 -16.85 -14.37
N CYS A 733 -16.39 -15.54 -14.39
CA CYS A 733 -17.45 -14.53 -14.36
C CYS A 733 -18.31 -14.60 -15.62
N ASN A 734 -17.68 -14.59 -16.78
CA ASN A 734 -18.41 -14.64 -18.03
C ASN A 734 -19.20 -15.94 -18.19
N ALA A 735 -18.63 -17.05 -17.75
CA ALA A 735 -19.30 -18.33 -17.89
C ALA A 735 -20.51 -18.43 -16.99
N ILE A 736 -20.41 -17.86 -15.79
CA ILE A 736 -21.53 -17.87 -14.85
C ILE A 736 -22.62 -16.91 -15.34
N ALA A 737 -22.20 -15.84 -16.02
CA ALA A 737 -23.12 -14.88 -16.60
C ALA A 737 -23.95 -15.48 -17.74
N GLN A 738 -23.33 -16.37 -18.52
CA GLN A 738 -24.01 -17.06 -19.61
C GLN A 738 -24.88 -18.21 -19.11
N GLY A 739 -24.46 -18.83 -18.03
CA GLY A 739 -25.10 -20.06 -17.55
C GLY A 739 -26.25 -19.78 -16.58
N GLY A 740 -26.75 -20.81 -15.95
CA GLY A 740 -27.85 -20.69 -15.00
C GLY A 740 -27.48 -21.28 -13.67
N GLN A 741 -28.39 -22.06 -13.08
CA GLN A 741 -28.14 -22.65 -11.78
C GLN A 741 -27.17 -23.84 -11.82
N ASP A 742 -26.98 -24.43 -12.99
CA ASP A 742 -25.95 -25.45 -13.19
C ASP A 742 -24.56 -24.89 -12.92
N GLN A 743 -24.19 -23.86 -13.66
CA GLN A 743 -22.90 -23.21 -13.50
C GLN A 743 -22.78 -22.63 -12.10
N TRP A 744 -23.86 -21.99 -11.62
CA TRP A 744 -23.83 -21.29 -10.34
C TRP A 744 -23.63 -22.27 -9.19
N ASP A 745 -24.41 -23.35 -9.16
CA ASP A 745 -24.29 -24.35 -8.09
C ASP A 745 -22.91 -25.03 -8.06
N PHE A 746 -22.36 -25.29 -9.24
CA PHE A 746 -21.05 -25.90 -9.37
C PHE A 746 -19.95 -25.00 -8.78
N ALA A 747 -19.94 -23.75 -9.18
CA ALA A 747 -18.99 -22.78 -8.64
C ALA A 747 -19.16 -22.54 -7.14
N TRP A 748 -20.40 -22.70 -6.65
CA TRP A 748 -20.67 -22.57 -5.23
C TRP A 748 -20.03 -23.73 -4.46
N GLY A 749 -20.25 -24.96 -4.94
CA GLY A 749 -19.57 -26.13 -4.41
C GLY A 749 -18.05 -25.91 -4.33
N GLN A 750 -17.47 -25.39 -5.41
CA GLN A 750 -16.03 -25.16 -5.48
C GLN A 750 -15.55 -24.05 -4.56
N LEU A 751 -16.41 -23.08 -4.30
CA LEU A 751 -16.13 -22.08 -3.29
C LEU A 751 -16.10 -22.70 -1.88
N GLN A 752 -17.04 -23.62 -1.62
CA GLN A 752 -17.16 -24.21 -0.29
C GLN A 752 -15.96 -25.08 0.09
N GLN A 753 -15.29 -25.64 -0.92
CA GLN A 753 -14.16 -26.54 -0.69
C GLN A 753 -12.82 -25.92 -1.09
N ALA A 754 -12.85 -24.64 -1.45
CA ALA A 754 -11.61 -23.93 -1.81
C ALA A 754 -10.74 -23.78 -0.58
N GLN A 755 -9.52 -24.31 -0.66
CA GLN A 755 -8.60 -24.25 0.48
C GLN A 755 -7.67 -23.04 0.38
N LEU A 756 -7.75 -22.32 -0.75
CA LEU A 756 -6.88 -21.15 -0.97
C LEU A 756 -7.67 -19.88 -1.12
N VAL A 757 -7.29 -18.86 -0.35
CA VAL A 757 -8.04 -17.60 -0.29
C VAL A 757 -8.16 -16.92 -1.65
N ASN A 758 -7.08 -16.87 -2.42
CA ASN A 758 -7.11 -16.22 -3.73
C ASN A 758 -8.12 -16.87 -4.67
N GLU A 759 -8.25 -18.20 -4.59
CA GLU A 759 -9.20 -18.93 -5.42
C GLU A 759 -10.64 -18.77 -4.89
N ALA A 760 -10.79 -18.78 -3.57
CA ALA A 760 -12.09 -18.49 -2.96
C ALA A 760 -12.58 -17.08 -3.36
N ASP A 761 -11.65 -16.12 -3.36
CA ASP A 761 -11.93 -14.75 -3.76
C ASP A 761 -12.51 -14.67 -5.16
N LYS A 762 -11.84 -15.30 -6.11
CA LYS A 762 -12.28 -15.29 -7.51
C LYS A 762 -13.65 -15.90 -7.72
N LEU A 763 -13.90 -17.02 -7.05
CA LEU A 763 -15.18 -17.70 -7.13
C LEU A 763 -16.29 -16.82 -6.56
N ARG A 764 -16.03 -16.27 -5.38
CA ARG A 764 -16.99 -15.37 -4.70
C ARG A 764 -17.41 -14.22 -5.63
N SER A 765 -16.43 -13.64 -6.30
CA SER A 765 -16.66 -12.49 -7.15
C SER A 765 -17.35 -12.86 -8.46
N ALA A 766 -16.99 -14.02 -9.01
CA ALA A 766 -17.63 -14.53 -10.23
C ALA A 766 -19.07 -14.93 -9.99
N LEU A 767 -19.38 -15.41 -8.79
CA LEU A 767 -20.73 -15.88 -8.50
C LEU A 767 -21.72 -14.70 -8.60
N ALA A 768 -21.18 -13.49 -8.43
CA ALA A 768 -21.99 -12.28 -8.52
C ALA A 768 -22.26 -11.84 -9.97
N CYS A 769 -21.76 -12.62 -10.94
CA CYS A 769 -21.90 -12.27 -12.34
C CYS A 769 -23.12 -12.90 -13.00
N SER A 770 -23.88 -13.68 -12.25
CA SER A 770 -25.08 -14.31 -12.78
C SER A 770 -26.03 -13.24 -13.29
N ASN A 771 -26.77 -13.56 -14.34
CA ASN A 771 -27.79 -12.64 -14.85
C ASN A 771 -29.19 -13.07 -14.48
N GLU A 772 -29.30 -13.98 -13.53
CA GLU A 772 -30.58 -14.36 -12.95
C GLU A 772 -30.83 -13.58 -11.67
N VAL A 773 -31.91 -12.81 -11.63
CA VAL A 773 -32.32 -12.08 -10.45
C VAL A 773 -32.45 -13.00 -9.25
N TRP A 774 -33.10 -14.14 -9.44
CA TRP A 774 -33.34 -15.05 -8.34
C TRP A 774 -32.03 -15.65 -7.77
N LEU A 775 -31.05 -15.87 -8.64
CA LEU A 775 -29.75 -16.33 -8.18
C LEU A 775 -29.01 -15.26 -7.38
N LEU A 776 -29.03 -14.03 -7.85
CA LEU A 776 -28.41 -12.92 -7.12
C LEU A 776 -29.08 -12.65 -5.78
N ASN A 777 -30.41 -12.73 -5.73
CA ASN A 777 -31.12 -12.54 -4.47
C ASN A 777 -30.85 -13.66 -3.46
N ARG A 778 -30.93 -14.91 -3.91
CA ARG A 778 -30.55 -16.05 -3.10
C ARG A 778 -29.10 -15.92 -2.59
N TYR A 779 -28.20 -15.45 -3.46
CA TYR A 779 -26.83 -15.20 -3.10
C TYR A 779 -26.70 -14.12 -2.02
N LEU A 780 -27.35 -12.98 -2.25
CA LEU A 780 -27.44 -11.94 -1.22
C LEU A 780 -27.93 -12.57 0.09
N GLY A 781 -28.88 -13.48 -0.01
CA GLY A 781 -29.43 -14.17 1.14
C GLY A 781 -28.39 -14.94 1.93
N TYR A 782 -27.29 -15.29 1.29
CA TYR A 782 -26.22 -16.04 1.94
C TYR A 782 -25.21 -15.15 2.65
N THR A 783 -25.10 -13.90 2.23
CA THR A 783 -23.96 -13.07 2.61
C THR A 783 -23.91 -12.74 4.10
N LEU A 784 -25.03 -12.87 4.79
CA LEU A 784 -25.10 -12.66 6.22
C LEU A 784 -24.88 -13.96 7.00
N ASN A 785 -24.90 -15.08 6.29
CA ASN A 785 -24.69 -16.40 6.88
C ASN A 785 -23.19 -16.68 7.00
N PRO A 786 -22.65 -16.62 8.24
CA PRO A 786 -21.23 -16.88 8.50
C PRO A 786 -20.85 -18.32 8.25
N ASP A 787 -21.84 -19.20 8.30
CA ASP A 787 -21.69 -20.58 7.82
C ASP A 787 -21.22 -20.60 6.38
N LEU A 788 -21.90 -19.85 5.51
CA LEU A 788 -21.67 -19.93 4.07
C LEU A 788 -20.77 -18.81 3.57
N ILE A 789 -20.84 -17.64 4.21
CA ILE A 789 -19.97 -16.52 3.84
C ILE A 789 -19.27 -15.92 5.07
N ARG A 790 -17.96 -16.08 5.14
CA ARG A 790 -17.16 -15.44 6.19
C ARG A 790 -17.65 -14.00 6.39
N LYS A 791 -17.83 -13.60 7.64
CA LYS A 791 -18.23 -12.21 7.96
C LYS A 791 -17.33 -11.17 7.33
N GLN A 792 -16.02 -11.40 7.35
CA GLN A 792 -15.07 -10.45 6.77
C GLN A 792 -15.25 -10.33 5.27
N ASP A 793 -16.11 -11.16 4.69
CA ASP A 793 -16.31 -11.18 3.24
C ASP A 793 -17.69 -10.68 2.84
N ALA A 794 -18.51 -10.34 3.83
CA ALA A 794 -19.93 -10.13 3.57
C ALA A 794 -20.16 -8.88 2.72
N THR A 795 -19.54 -7.75 3.13
CA THR A 795 -19.74 -6.51 2.43
C THR A 795 -19.09 -6.52 1.04
N SER A 796 -17.94 -7.18 0.94
CA SER A 796 -17.28 -7.42 -0.33
C SER A 796 -18.24 -8.12 -1.30
N THR A 797 -18.88 -9.18 -0.82
CA THR A 797 -19.77 -9.97 -1.66
C THR A 797 -20.98 -9.16 -2.07
N ILE A 798 -21.57 -8.41 -1.14
CA ILE A 798 -22.69 -7.53 -1.47
C ILE A 798 -22.30 -6.51 -2.53
N ASN A 799 -21.09 -5.99 -2.43
CA ASN A 799 -20.59 -4.99 -3.40
C ASN A 799 -20.39 -5.57 -4.79
N SER A 800 -19.92 -6.80 -4.83
CA SER A 800 -19.73 -7.50 -6.08
C SER A 800 -21.08 -7.72 -6.78
N ILE A 801 -22.12 -7.89 -5.99
CA ILE A 801 -23.46 -8.07 -6.53
C ILE A 801 -24.02 -6.72 -7.00
N ALA A 802 -23.78 -5.67 -6.22
CA ALA A 802 -24.13 -4.32 -6.64
C ALA A 802 -23.48 -3.97 -7.96
N SER A 803 -22.26 -4.48 -8.18
CA SER A 803 -21.47 -4.19 -9.38
C SER A 803 -22.13 -4.72 -10.64
N ASN A 804 -22.80 -5.85 -10.51
CA ASN A 804 -23.64 -6.41 -11.58
C ASN A 804 -24.80 -5.46 -11.84
N VAL A 805 -24.93 -5.02 -13.09
CA VAL A 805 -25.99 -4.07 -13.45
C VAL A 805 -27.39 -4.59 -13.06
N ILE A 806 -27.59 -5.89 -13.15
CA ILE A 806 -28.83 -6.51 -12.72
C ILE A 806 -28.88 -6.59 -11.18
N GLY A 807 -27.71 -6.69 -10.57
CA GLY A 807 -27.62 -6.81 -9.11
C GLY A 807 -27.69 -5.47 -8.38
N GLN A 808 -27.54 -4.38 -9.11
CA GLN A 808 -27.60 -3.04 -8.54
C GLN A 808 -28.83 -2.81 -7.66
N PRO A 809 -30.05 -2.93 -8.24
CA PRO A 809 -31.26 -2.70 -7.47
C PRO A 809 -31.46 -3.73 -6.37
N LEU A 810 -30.98 -4.94 -6.60
CA LEU A 810 -31.10 -6.02 -5.62
C LEU A 810 -30.25 -5.73 -4.38
N ALA A 811 -29.01 -5.32 -4.60
CA ALA A 811 -28.10 -5.00 -3.50
C ALA A 811 -28.59 -3.77 -2.71
N TRP A 812 -28.98 -2.74 -3.44
CA TRP A 812 -29.49 -1.51 -2.85
C TRP A 812 -30.73 -1.78 -2.00
N ASP A 813 -31.67 -2.54 -2.54
CA ASP A 813 -32.85 -2.97 -1.78
C ASP A 813 -32.45 -3.74 -0.52
N PHE A 814 -31.43 -4.59 -0.64
CA PHE A 814 -31.04 -5.52 0.42
C PHE A 814 -30.31 -4.76 1.56
N VAL A 815 -29.51 -3.78 1.17
CA VAL A 815 -28.78 -2.97 2.14
C VAL A 815 -29.71 -2.07 2.95
N GLN A 816 -30.57 -1.32 2.26
CA GLN A 816 -31.65 -0.57 2.91
C GLN A 816 -32.44 -1.44 3.87
N SER A 817 -32.93 -2.58 3.38
CA SER A 817 -33.90 -3.38 4.10
C SER A 817 -33.30 -3.98 5.36
N ASN A 818 -32.06 -4.40 5.29
CA ASN A 818 -31.37 -5.00 6.44
C ASN A 818 -30.33 -4.05 7.04
N TRP A 819 -30.61 -2.75 6.98
CA TRP A 819 -29.73 -1.75 7.59
C TRP A 819 -29.77 -1.86 9.10
N LYS A 820 -30.95 -2.14 9.63
CA LYS A 820 -31.13 -2.54 11.03
C LYS A 820 -30.33 -3.81 11.36
N LYS A 821 -29.14 -3.91 10.79
CA LYS A 821 -28.07 -4.75 11.32
C LYS A 821 -26.82 -3.90 11.53
N LEU A 822 -27.03 -2.63 11.89
CA LEU A 822 -26.01 -1.87 12.61
C LEU A 822 -25.99 -2.30 14.09
N PHE A 823 -27.17 -2.46 14.67
CA PHE A 823 -27.30 -3.05 16.01
C PHE A 823 -27.11 -4.57 15.99
N GLN A 824 -26.04 -5.00 15.32
CA GLN A 824 -25.67 -6.41 15.22
C GLN A 824 -24.30 -6.56 14.60
N ASP A 825 -23.68 -5.42 14.21
CA ASP A 825 -22.35 -5.44 13.63
C ASP A 825 -21.58 -4.13 13.65
N TYR A 826 -22.03 -3.18 14.46
CA TYR A 826 -21.06 -2.23 15.07
C TYR A 826 -20.53 -2.78 16.40
N GLY A 827 -21.09 -3.91 16.85
CA GLY A 827 -20.58 -4.64 18.01
C GLY A 827 -19.94 -5.97 17.65
N GLY A 828 -20.61 -6.76 16.78
CA GLY A 828 -20.12 -8.11 16.44
C GLY A 828 -19.04 -8.15 15.41
N GLY A 829 -17.91 -7.45 15.67
CA GLY A 829 -16.86 -7.23 14.67
C GLY A 829 -17.09 -5.91 13.95
N SER A 830 -16.10 -5.48 13.16
CA SER A 830 -16.06 -4.12 12.60
C SER A 830 -17.04 -3.91 11.45
N PHE A 831 -16.63 -4.28 10.22
CA PHE A 831 -17.56 -4.43 9.07
C PHE A 831 -17.16 -3.59 7.84
N SER A 832 -17.30 -2.26 7.96
CA SER A 832 -17.15 -1.35 6.81
C SER A 832 -18.49 -1.08 6.15
N PHE A 833 -19.48 -0.66 6.96
CA PHE A 833 -20.56 0.18 6.50
C PHE A 833 -20.05 1.20 5.47
N SER A 834 -18.90 1.82 5.72
CA SER A 834 -18.36 2.82 4.82
C SER A 834 -18.12 2.25 3.41
N ASN A 835 -17.45 1.10 3.33
CA ASN A 835 -17.13 0.50 2.04
C ASN A 835 -18.38 -0.12 1.37
N LEU A 836 -19.33 -0.55 2.19
CA LEU A 836 -20.62 -1.03 1.71
C LEU A 836 -21.42 0.09 1.03
N ILE A 837 -21.49 1.25 1.70
CA ILE A 837 -22.23 2.39 1.19
C ILE A 837 -21.66 2.89 -0.14
N GLN A 838 -20.35 3.08 -0.19
CA GLN A 838 -19.70 3.61 -1.37
C GLN A 838 -19.97 2.70 -2.57
N GLY A 839 -19.85 1.40 -2.34
CA GLY A 839 -19.98 0.42 -3.41
C GLY A 839 -21.39 0.39 -3.98
N VAL A 840 -22.37 0.34 -3.08
CA VAL A 840 -23.76 0.22 -3.48
C VAL A 840 -24.36 1.52 -4.08
N THR A 841 -23.76 2.66 -3.76
CA THR A 841 -24.27 3.96 -4.23
C THR A 841 -23.43 4.52 -5.36
N ARG A 842 -22.36 3.80 -5.68
CA ARG A 842 -21.36 4.23 -6.64
C ARG A 842 -21.99 4.67 -7.98
N ARG A 843 -23.09 4.04 -8.38
CA ARG A 843 -23.68 4.27 -9.70
C ARG A 843 -24.60 5.49 -9.76
N PHE A 844 -25.04 5.95 -8.59
CA PHE A 844 -26.15 6.89 -8.52
C PHE A 844 -25.81 8.17 -9.25
N SER A 845 -26.64 8.55 -10.21
CA SER A 845 -26.30 9.65 -11.10
C SER A 845 -27.53 10.39 -11.60
N SER A 846 -28.64 10.25 -10.87
CA SER A 846 -29.83 11.01 -11.20
C SER A 846 -30.47 11.64 -9.98
N GLU A 847 -31.26 12.69 -10.23
CA GLU A 847 -32.07 13.33 -9.18
C GLU A 847 -32.87 12.28 -8.41
N PHE A 848 -33.50 11.37 -9.15
CA PHE A 848 -34.36 10.36 -8.56
C PHE A 848 -33.61 9.44 -7.59
N GLU A 849 -32.40 9.05 -7.96
CA GLU A 849 -31.56 8.23 -7.10
C GLU A 849 -31.08 9.00 -5.86
N LEU A 850 -30.78 10.29 -6.05
CA LEU A 850 -30.43 11.16 -4.93
C LEU A 850 -31.59 11.32 -3.95
N GLN A 851 -32.80 11.42 -4.48
CA GLN A 851 -34.01 11.46 -3.67
C GLN A 851 -34.17 10.18 -2.83
N GLN A 852 -33.68 9.07 -3.36
CA GLN A 852 -33.77 7.79 -2.67
C GLN A 852 -32.73 7.67 -1.58
N LEU A 853 -31.53 8.18 -1.85
CA LEU A 853 -30.45 8.17 -0.87
C LEU A 853 -30.80 9.07 0.30
N GLU A 854 -31.45 10.20 0.02
CA GLU A 854 -31.95 11.10 1.06
C GLU A 854 -33.01 10.43 1.90
N GLN A 855 -33.96 9.78 1.24
CA GLN A 855 -35.02 9.03 1.90
C GLN A 855 -34.47 7.89 2.76
N PHE A 856 -33.42 7.23 2.28
CA PHE A 856 -32.74 6.19 3.05
C PHE A 856 -32.09 6.78 4.30
N LYS A 857 -31.61 8.02 4.18
CA LYS A 857 -30.97 8.73 5.30
C LYS A 857 -31.93 8.95 6.45
N LYS A 858 -33.24 8.97 6.17
CA LYS A 858 -34.28 9.13 7.19
C LYS A 858 -34.65 7.81 7.87
N ASN A 859 -33.67 6.94 8.07
CA ASN A 859 -33.61 6.12 9.27
C ASN A 859 -32.49 6.65 10.19
N ASN A 860 -32.44 7.98 10.31
CA ASN A 860 -31.45 8.65 11.16
C ASN A 860 -31.78 8.42 12.62
N MET A 861 -33.07 8.47 12.93
CA MET A 861 -33.57 8.24 14.30
C MET A 861 -33.18 6.83 14.74
N ASP A 862 -32.12 6.76 15.56
CA ASP A 862 -31.65 5.50 16.10
C ASP A 862 -30.85 4.73 15.08
N VAL A 863 -30.21 3.65 15.54
CA VAL A 863 -29.23 2.88 14.75
C VAL A 863 -28.16 3.74 14.08
N GLY A 864 -28.56 4.88 13.50
CA GLY A 864 -27.59 5.73 12.76
C GLY A 864 -26.83 4.94 11.73
N PHE A 865 -25.58 5.29 11.49
CA PHE A 865 -24.80 4.68 10.41
C PHE A 865 -23.41 4.17 10.83
N GLY A 866 -23.03 4.41 12.09
CA GLY A 866 -21.77 3.88 12.63
C GLY A 866 -20.50 4.44 11.97
N SER A 867 -19.59 3.53 11.59
CA SER A 867 -18.32 3.90 10.97
C SER A 867 -18.47 4.38 9.52
N GLY A 868 -19.71 4.37 9.03
CA GLY A 868 -20.00 4.81 7.68
C GLY A 868 -20.80 6.10 7.67
N THR A 869 -20.92 6.73 8.84
CA THR A 869 -21.66 7.98 8.96
C THR A 869 -21.13 9.02 7.97
N ARG A 870 -19.82 9.14 7.92
CA ARG A 870 -19.11 10.06 7.05
C ARG A 870 -19.22 9.68 5.59
N ALA A 871 -19.29 8.38 5.37
CA ALA A 871 -19.43 7.83 4.04
C ALA A 871 -20.76 8.20 3.40
N LEU A 872 -21.84 8.05 4.17
CA LEU A 872 -23.17 8.39 3.70
C LEU A 872 -23.27 9.86 3.28
N GLU A 873 -22.43 10.73 3.85
CA GLU A 873 -22.40 12.13 3.44
C GLU A 873 -21.64 12.27 2.14
N GLN A 874 -20.54 11.53 2.03
CA GLN A 874 -19.75 11.46 0.80
C GLN A 874 -20.57 10.94 -0.39
N ALA A 875 -21.57 10.11 -0.10
CA ALA A 875 -22.39 9.49 -1.15
C ALA A 875 -23.42 10.45 -1.69
N LEU A 876 -24.03 11.24 -0.81
CA LEU A 876 -24.88 12.33 -1.24
C LEU A 876 -24.10 13.38 -2.02
N GLU A 877 -22.85 13.62 -1.62
CA GLU A 877 -21.99 14.57 -2.31
C GLU A 877 -21.54 14.05 -3.68
N LYS A 878 -21.22 12.75 -3.77
CA LYS A 878 -20.77 12.17 -5.02
C LYS A 878 -21.91 12.02 -6.05
N THR A 879 -23.11 11.75 -5.57
CA THR A 879 -24.26 11.65 -6.45
C THR A 879 -24.61 13.01 -7.10
N LYS A 880 -24.53 14.08 -6.32
CA LYS A 880 -24.65 15.44 -6.84
C LYS A 880 -23.63 15.68 -7.95
N ALA A 881 -22.37 15.30 -7.70
CA ALA A 881 -21.33 15.44 -8.70
C ALA A 881 -21.63 14.60 -9.95
N ASN A 882 -22.08 13.37 -9.75
CA ASN A 882 -22.44 12.49 -10.86
C ASN A 882 -23.62 13.00 -11.68
N ILE A 883 -24.65 13.52 -11.01
CA ILE A 883 -25.78 14.13 -11.68
C ILE A 883 -25.31 15.25 -12.62
N LYS A 884 -24.39 16.07 -12.13
CA LYS A 884 -23.87 17.21 -12.89
C LYS A 884 -23.02 16.72 -14.06
N TRP A 885 -22.19 15.71 -13.80
CA TRP A 885 -21.30 15.18 -14.83
C TRP A 885 -22.08 14.52 -15.97
N VAL A 886 -23.11 13.75 -15.63
CA VAL A 886 -23.91 13.04 -16.63
C VAL A 886 -24.71 14.00 -17.50
N LYS A 887 -25.27 15.05 -16.90
CA LYS A 887 -26.02 16.04 -17.68
C LYS A 887 -25.09 16.74 -18.68
N GLU A 888 -23.90 17.12 -18.22
CA GLU A 888 -22.91 17.80 -19.04
C GLU A 888 -22.40 16.94 -20.19
N ASN A 889 -22.30 15.63 -19.96
CA ASN A 889 -21.49 14.76 -20.80
C ASN A 889 -22.27 13.77 -21.67
N LYS A 890 -23.50 13.46 -21.24
CA LYS A 890 -24.30 12.40 -21.86
C LYS A 890 -24.43 12.53 -23.39
N GLU A 891 -24.82 13.70 -23.87
CA GLU A 891 -25.03 13.89 -25.30
C GLU A 891 -23.76 13.80 -26.13
N VAL A 892 -22.71 14.50 -25.69
CA VAL A 892 -21.41 14.51 -26.39
C VAL A 892 -20.78 13.11 -26.43
N VAL A 893 -20.93 12.36 -25.34
CA VAL A 893 -20.36 11.03 -25.25
C VAL A 893 -21.12 9.99 -26.07
N LEU A 894 -22.44 10.01 -25.98
CA LEU A 894 -23.28 9.14 -26.81
C LEU A 894 -22.95 9.26 -28.29
N ASN A 895 -22.83 10.50 -28.77
CA ASN A 895 -22.60 10.73 -30.20
C ASN A 895 -21.19 10.43 -30.65
N TRP A 896 -20.21 10.60 -29.76
CA TRP A 896 -18.85 10.12 -30.04
C TRP A 896 -18.83 8.60 -30.21
N PHE A 897 -19.47 7.88 -29.29
CA PHE A 897 -19.46 6.43 -29.33
C PHE A 897 -20.22 5.92 -30.55
N ILE A 898 -21.37 6.53 -30.84
CA ILE A 898 -22.10 6.19 -32.06
C ILE A 898 -21.21 6.39 -33.28
N GLU A 899 -20.55 7.53 -33.36
CA GLU A 899 -19.70 7.85 -34.51
C GLU A 899 -18.54 6.86 -34.69
N HIS A 900 -17.96 6.41 -33.58
CA HIS A 900 -16.72 5.64 -33.68
C HIS A 900 -16.89 4.12 -33.52
N SER A 901 -18.13 3.63 -33.58
CA SER A 901 -18.40 2.21 -33.36
C SER A 901 -18.73 1.42 -34.62
N SER A 902 -18.83 2.10 -35.76
CA SER A 902 -19.07 1.46 -37.05
C SER A 902 -20.56 1.26 -37.33
C1 NAG B . 21.09 -8.49 30.90
C2 NAG B . 21.71 -8.30 32.30
C3 NAG B . 23.15 -8.81 32.27
C4 NAG B . 23.17 -10.27 31.86
C5 NAG B . 22.47 -10.41 30.51
C6 NAG B . 22.33 -11.89 30.10
C7 NAG B . 21.35 -6.38 33.74
C8 NAG B . 21.43 -4.88 33.83
N2 NAG B . 21.74 -6.89 32.58
O3 NAG B . 23.74 -8.64 33.53
O4 NAG B . 24.52 -10.67 31.75
O5 NAG B . 21.16 -9.87 30.55
O6 NAG B . 21.61 -12.59 31.15
O7 NAG B . 20.97 -7.04 34.69
C1 NAG B . 24.77 -12.01 32.26
C2 NAG B . 26.15 -12.37 31.75
C3 NAG B . 26.91 -13.50 32.45
C4 NAG B . 26.38 -13.95 33.79
C5 NAG B . 24.92 -13.51 34.03
C6 NAG B . 24.46 -13.74 35.47
C7 NAG B . 26.71 -11.83 29.48
C8 NAG B . 27.50 -10.74 30.08
N2 NAG B . 26.07 -12.63 30.31
O3 NAG B . 28.26 -13.10 32.62
O4 NAG B . 26.43 -15.39 33.73
O5 NAG B . 24.73 -12.13 33.67
O6 NAG B . 24.63 -12.53 36.23
O7 NAG B . 26.65 -11.98 28.26
C1 NAG B . 27.19 -15.99 34.83
C2 NAG B . 28.71 -15.89 34.60
C3 NAG B . 29.54 -16.09 35.87
C4 NAG B . 28.83 -15.67 37.15
C5 NAG B . 27.41 -16.22 37.16
C6 NAG B . 26.66 -15.93 38.48
C7 NAG B . 29.76 -16.68 32.47
C8 NAG B . 30.03 -17.89 31.62
N2 NAG B . 29.08 -16.91 33.61
O3 NAG B . 30.79 -15.41 35.75
O4 NAG B . 29.55 -16.18 38.30
O5 NAG B . 26.74 -15.55 36.11
O6 NAG B . 26.92 -17.05 39.35
O7 NAG B . 30.19 -15.56 32.12
C1 NAG C . -4.76 -5.68 34.85
C2 NAG C . -5.27 -7.05 34.43
C3 NAG C . -6.78 -7.00 34.20
C4 NAG C . -7.52 -6.28 35.32
C5 NAG C . -6.81 -5.00 35.75
C6 NAG C . -7.39 -4.39 37.01
C7 NAG C . -3.84 -8.50 33.08
C8 NAG C . -3.40 -8.87 31.70
N2 NAG C . -4.69 -7.50 33.18
O3 NAG C . -7.27 -8.33 34.03
O4 NAG C . -8.79 -5.91 34.79
O5 NAG C . -5.45 -5.30 36.04
O6 NAG C . -7.01 -5.22 38.12
O7 NAG C . -3.36 -9.09 34.03
C1 NAG C . -9.85 -6.48 35.61
C2 NAG C . -11.13 -5.67 35.45
C3 NAG C . -12.39 -6.39 35.97
C4 NAG C . -12.24 -7.84 36.43
C5 NAG C . -10.79 -8.32 36.52
C6 NAG C . -10.61 -9.81 36.69
C7 NAG C . -10.65 -3.24 35.68
C8 NAG C . -10.50 -2.13 36.72
N2 NAG C . -10.95 -4.43 36.22
O3 NAG C . -13.43 -6.30 34.98
O4 NAG C . -12.82 -7.94 37.77
O5 NAG C . -10.09 -7.84 35.36
O6 NAG C . -10.57 -10.44 35.40
O7 NAG C . -10.50 -3.05 34.43
C1 NAG C . -13.88 -8.94 37.89
C2 NAG C . -15.12 -8.59 37.03
C3 NAG C . -16.16 -9.71 37.02
C4 NAG C . -15.54 -11.11 37.01
C5 NAG C . -14.44 -11.24 38.06
C6 NAG C . -13.78 -12.64 38.06
C7 NAG C . -16.63 -6.58 37.06
C8 NAG C . -17.00 -5.34 37.85
N2 NAG C . -15.68 -7.36 37.62
O3 NAG C . -16.97 -9.58 35.85
O4 NAG C . -16.57 -12.07 37.29
O5 NAG C . -13.42 -10.28 37.73
O6 NAG C . -12.83 -12.82 36.97
O7 NAG C . -17.19 -6.82 35.93
C1 NAG D . 22.91 -6.68 26.54
C2 NAG D . 23.30 -5.80 27.73
C3 NAG D . 24.64 -5.14 27.45
C4 NAG D . 25.68 -6.16 27.01
C5 NAG D . 25.11 -7.01 25.86
C6 NAG D . 26.12 -8.06 25.35
C7 NAG D . 21.86 -4.76 29.36
C8 NAG D . 20.75 -3.75 29.66
N2 NAG D . 22.28 -4.87 28.11
O3 NAG D . 25.07 -4.51 28.64
O4 NAG D . 26.82 -5.47 26.52
O5 NAG D . 23.92 -7.63 26.26
O6 NAG D . 26.33 -8.98 26.41
O7 NAG D . 22.32 -5.43 30.28
C1 NAG D . 27.85 -5.52 27.49
C2 NAG D . 29.22 -5.41 26.87
C3 NAG D . 30.34 -5.33 27.94
C4 NAG D . 29.94 -4.36 29.07
C5 NAG D . 28.53 -4.63 29.50
C6 NAG D . 28.09 -3.73 30.64
C7 NAG D . 29.44 -6.33 24.64
C8 NAG D . 29.74 -7.50 23.76
N2 NAG D . 29.50 -6.51 25.96
O3 NAG D . 31.53 -4.88 27.31
O4 NAG D . 30.77 -4.57 30.22
O5 NAG D . 27.69 -4.42 28.36
O6 NAG D . 27.87 -2.44 30.05
O7 NAG D . 29.14 -5.25 24.14
C1 NAG E . 3.13 -29.09 21.38
C2 NAG E . 2.50 -29.78 20.17
C3 NAG E . 0.99 -29.56 20.21
C4 NAG E . 0.36 -29.92 21.54
C5 NAG E . 1.17 -29.42 22.75
C6 NAG E . 0.75 -30.20 24.00
C7 NAG E . 4.06 -29.67 18.23
C8 NAG E . 4.46 -28.85 17.03
N2 NAG E . 3.03 -29.21 18.93
O3 NAG E . 0.34 -30.32 19.22
O4 NAG E . -0.91 -29.25 21.52
O5 NAG E . 2.58 -29.57 22.60
O6 NAG E . 1.44 -31.45 24.02
O7 NAG E . 4.71 -30.67 18.50
C1 NAG E . -2.02 -30.18 21.77
C2 NAG E . -3.18 -29.37 22.38
C3 NAG E . -4.45 -30.20 22.42
C4 NAG E . -4.80 -30.64 20.99
C5 NAG E . -3.65 -31.58 20.60
C6 NAG E . -3.89 -32.23 19.24
C7 NAG E . -2.98 -27.56 24.01
C8 NAG E . -2.69 -27.17 25.43
N2 NAG E . -2.90 -28.87 23.71
O3 NAG E . -5.54 -29.49 23.04
O4 NAG E . -6.08 -31.31 20.98
O5 NAG E . -2.42 -30.84 20.57
O6 NAG E . -2.62 -32.72 18.74
O7 NAG E . -3.29 -26.68 23.15
C1 NAG F . 12.55 -21.08 -7.79
C2 NAG F . 11.30 -21.30 -8.61
C3 NAG F . 11.39 -22.62 -9.39
C4 NAG F . 12.71 -22.76 -10.17
C5 NAG F . 13.88 -22.41 -9.24
C6 NAG F . 15.21 -22.40 -9.97
C7 NAG F . 9.13 -20.50 -8.00
C8 NAG F . 7.92 -20.68 -7.09
N2 NAG F . 10.12 -21.35 -7.79
O3 NAG F . 10.31 -22.65 -10.29
O4 NAG F . 12.83 -24.13 -10.54
O5 NAG F . 13.65 -21.13 -8.68
O6 NAG F . 15.23 -21.33 -10.93
O7 NAG F . 9.17 -19.62 -8.90
C1 NAG F . 12.34 -24.37 -11.88
C2 NAG F . 13.13 -25.57 -12.43
C3 NAG F . 12.54 -26.20 -13.71
C4 NAG F . 11.04 -25.93 -13.97
C5 NAG F . 10.50 -24.71 -13.24
C6 NAG F . 8.98 -24.64 -13.26
C7 NAG F . 15.50 -25.57 -11.77
C8 NAG F . 16.86 -24.98 -11.98
N2 NAG F . 14.51 -25.13 -12.58
O3 NAG F . 12.72 -27.63 -13.62
O4 NAG F . 10.82 -25.74 -15.39
O5 NAG F . 10.95 -24.72 -11.88
O6 NAG F . 8.41 -25.89 -12.78
O7 NAG F . 15.35 -26.42 -10.91
C1 NAG F . 10.22 -26.85 -16.11
C2 NAG F . 11.26 -27.83 -16.64
C3 NAG F . 10.66 -28.55 -17.85
C4 NAG F . 9.13 -28.71 -17.78
C5 NAG F . 8.44 -28.42 -16.43
C6 NAG F . 8.10 -29.73 -15.69
C7 NAG F . 13.35 -27.42 -17.89
C8 NAG F . 14.40 -26.35 -18.10
N2 NAG F . 12.41 -27.03 -17.02
O3 NAG F . 11.29 -29.86 -18.03
O4 NAG F . 8.55 -27.93 -18.83
O5 NAG F . 9.13 -27.55 -15.53
O6 NAG F . 7.86 -30.75 -16.66
O7 NAG F . 13.32 -28.58 -18.47
C1 NAG G . 31.17 1.11 -2.14
C2 NAG G . 31.72 -0.29 -2.03
C3 NAG G . 33.22 -0.34 -2.42
C4 NAG G . 33.58 0.50 -3.65
C5 NAG G . 32.85 1.85 -3.67
C6 NAG G . 32.95 2.49 -5.07
C7 NAG G . 30.47 -1.67 -0.41
C8 NAG G . 30.38 -2.14 1.02
N2 NAG G . 31.50 -0.84 -0.71
O3 NAG G . 33.53 -1.70 -2.71
O4 NAG G . 35.01 0.74 -3.68
O5 NAG G . 31.48 1.66 -3.43
O6 NAG G . 32.39 1.61 -6.05
O7 NAG G . 29.61 -2.04 -1.22
C1 NAG G . 35.51 0.64 -5.04
C2 NAG G . 36.91 1.28 -5.15
C3 NAG G . 37.45 1.09 -6.57
C4 NAG G . 37.42 -0.38 -6.94
C5 NAG G . 35.96 -0.85 -6.84
C6 NAG G . 35.67 -2.33 -7.23
C7 NAG G . 37.26 3.17 -3.66
C8 NAG G . 37.22 4.65 -3.45
N2 NAG G . 36.89 2.71 -4.83
O3 NAG G . 38.79 1.65 -6.63
O4 NAG G . 37.91 -0.53 -8.30
O5 NAG G . 35.58 -0.71 -5.47
O6 NAG G . 36.90 -2.87 -7.86
O7 NAG G . 37.61 2.43 -2.74
C1 NAG H . 19.87 11.46 16.49
C2 NAG H . 20.58 11.09 17.77
C3 NAG H . 21.81 11.98 18.02
C4 NAG H . 22.73 12.07 16.79
C5 NAG H . 21.86 12.52 15.61
C6 NAG H . 22.65 12.58 14.30
C7 NAG H . 19.55 10.35 19.78
C8 NAG H . 18.56 10.63 20.88
N2 NAG H . 19.64 11.29 18.84
O3 NAG H . 22.56 11.47 19.09
O4 NAG H . 23.72 13.07 17.07
O5 NAG H . 20.84 11.57 15.42
O6 NAG H . 21.80 13.00 13.27
O7 NAG H . 20.25 9.32 19.72
C1 NAG H . 25.07 12.54 16.90
C2 NAG H . 26.04 13.69 16.63
C3 NAG H . 27.47 13.25 16.49
C4 NAG H . 27.87 12.19 17.50
C5 NAG H . 26.77 11.15 17.74
C6 NAG H . 27.11 10.21 18.89
C7 NAG H . 24.97 15.58 15.57
C8 NAG H . 24.70 16.06 16.93
N2 NAG H . 25.63 14.43 15.44
O3 NAG H . 28.29 14.40 16.67
O4 NAG H . 29.04 11.51 17.02
O5 NAG H . 25.54 11.81 18.03
O6 NAG H . 26.87 10.91 20.14
O7 NAG H . 24.57 16.23 14.62
C1 NAG I . 3.37 33.92 -25.61
C2 NAG I . 1.97 34.39 -25.98
C3 NAG I . 1.97 35.82 -26.47
C4 NAG I . 2.76 36.75 -25.52
C5 NAG I . 4.03 36.14 -24.94
C6 NAG I . 4.43 36.92 -23.69
C7 NAG I . 0.42 32.61 -26.66
C8 NAG I . -0.02 32.51 -25.21
N2 NAG I . 1.38 33.51 -26.97
O3 NAG I . 0.62 36.26 -26.46
O4 NAG I . 3.12 37.93 -26.26
O5 NAG I . 3.80 34.76 -24.55
O6 NAG I . 5.81 36.77 -23.42
O7 NAG I . -0.05 31.85 -27.51
C1 NAG I . 2.92 39.13 -25.44
C2 NAG I . 3.69 40.28 -26.08
C3 NAG I . 3.39 41.61 -25.43
C4 NAG I . 1.88 41.82 -25.42
C5 NAG I . 1.34 40.68 -24.54
C6 NAG I . -0.13 40.78 -24.15
C7 NAG I . 5.92 39.82 -27.07
C8 NAG I . 5.30 39.95 -28.45
N2 NAG I . 5.13 39.99 -25.99
O3 NAG I . 4.01 42.69 -26.17
O4 NAG I . 1.56 43.10 -24.89
O5 NAG I . 1.54 39.44 -25.25
O6 NAG I . -0.79 41.73 -24.97
O7 NAG I . 7.14 39.56 -26.92
C1 NAG J . 11.50 4.99 -20.96
C2 NAG J . 13.02 5.07 -21.06
C3 NAG J . 13.56 3.86 -21.83
C4 NAG J . 13.01 2.53 -21.27
C5 NAG J . 11.50 2.61 -21.17
C6 NAG J . 10.94 1.38 -20.47
C7 NAG J . 14.08 7.28 -21.15
C8 NAG J . 14.45 8.48 -21.94
N2 NAG J . 13.40 6.30 -21.75
O3 NAG J . 14.97 3.86 -21.71
O4 NAG J . 13.38 1.45 -22.12
O5 NAG J . 11.12 3.75 -20.40
O6 NAG J . 9.51 1.38 -20.59
O7 NAG J . 14.44 7.25 -19.97
C1 NAG J . 14.31 0.58 -21.43
C2 NAG J . 14.31 -0.84 -22.00
C3 NAG J . 15.32 -1.71 -21.26
C4 NAG J . 16.69 -1.02 -21.22
C5 NAG J . 16.52 0.37 -20.62
C6 NAG J . 17.88 1.11 -20.57
C7 NAG J . 12.18 -1.46 -23.02
C8 NAG J . 10.89 -2.17 -22.88
N2 NAG J . 13.00 -1.48 -21.95
O3 NAG J . 15.45 -2.99 -21.88
O4 NAG J . 17.60 -1.77 -20.42
O5 NAG J . 15.63 1.09 -21.50
O6 NAG J . 18.19 1.59 -21.88
O7 NAG J . 12.44 -0.86 -24.07
C1 NAG K . -15.85 28.68 -4.63
C2 NAG K . -17.28 28.21 -4.69
C3 NAG K . -17.75 28.37 -6.15
C4 NAG K . -17.57 29.84 -6.56
C5 NAG K . -16.33 30.58 -6.02
C6 NAG K . -16.68 32.07 -5.90
C7 NAG K . -17.25 25.68 -4.63
C8 NAG K . -17.54 24.53 -3.71
N2 NAG K . -17.46 26.91 -4.07
O3 NAG K . -19.12 27.99 -6.26
O4 NAG K . -17.55 29.90 -8.01
O5 NAG K . -15.86 30.13 -4.74
O6 NAG K . -15.51 32.83 -5.54
O7 NAG K . -16.84 25.50 -5.81
C1 NAG L . 8.03 2.49 -36.95
C2 NAG L . 8.71 1.68 -38.06
C3 NAG L . 10.03 1.00 -37.69
C4 NAG L . 10.77 1.65 -36.53
C5 NAG L . 9.79 2.05 -35.44
C6 NAG L . 10.49 2.54 -34.16
C7 NAG L . 7.32 0.63 -39.73
C8 NAG L . 6.37 -0.47 -40.09
N2 NAG L . 7.78 0.65 -38.50
O3 NAG L . 10.89 0.99 -38.83
O4 NAG L . 11.71 0.72 -35.97
O5 NAG L . 8.96 3.07 -36.05
O6 NAG L . 11.04 3.87 -34.34
O7 NAG L . 7.66 1.52 -40.56
N ARG M . 5.66 0.11 7.50
CA ARG M . 4.90 -1.08 6.99
C ARG M . 4.22 -1.02 5.59
O ARG M . 3.81 -2.16 5.12
CB ARG M . 3.97 -1.41 8.15
CG ARG M . 2.51 -1.69 7.99
CD ARG M . 1.73 -0.93 9.06
NE ARG M . 0.76 -0.04 8.45
CZ ARG M . 0.24 1.01 9.07
NH1 ARG M . -0.67 1.75 8.45
NH2 ARG M . 0.58 1.28 10.34
OXT ARG M . 4.18 0.09 5.00
S SO4 N . 10.34 7.08 11.61
O1 SO4 N . 10.10 8.15 12.57
O2 SO4 N . 9.65 5.78 11.96
O3 SO4 N . 11.73 6.80 11.76
O4 SO4 N . 9.93 7.37 10.02
S SO4 O . 17.81 -11.07 28.70
O1 SO4 O . 17.63 -12.43 29.46
O2 SO4 O . 16.85 -10.03 29.36
O3 SO4 O . 19.28 -10.72 28.86
O4 SO4 O . 17.42 -11.18 27.21
S SO4 P . 0.30 -6.12 1.12
O1 SO4 P . 0.61 -7.14 -0.03
O2 SO4 P . -1.23 -6.20 1.55
O3 SO4 P . 0.65 -4.68 0.54
O4 SO4 P . 1.19 -6.34 2.36
S SO4 Q . 8.62 -13.70 33.43
O1 SO4 Q . 8.53 -15.27 33.31
O2 SO4 Q . 7.49 -13.22 34.37
O3 SO4 Q . 8.41 -13.13 32.06
O4 SO4 Q . 10.08 -13.35 33.93
S SO4 R . -24.36 -6.27 -27.74
O1 SO4 R . -25.53 -5.77 -26.87
O2 SO4 R . -24.74 -7.44 -28.61
O3 SO4 R . -23.15 -6.70 -26.84
O4 SO4 R . -23.95 -5.12 -28.67
S SO4 S . 13.23 4.82 -12.63
O1 SO4 S . 14.07 4.69 -11.44
O2 SO4 S . 11.93 4.02 -12.55
O3 SO4 S . 12.88 6.23 -12.90
O4 SO4 S . 13.97 4.33 -13.84
S SO4 T . 6.26 -20.85 36.61
O1 SO4 T . 6.41 -22.02 37.66
O2 SO4 T . 5.79 -21.57 35.31
O3 SO4 T . 5.27 -19.75 37.06
O4 SO4 T . 7.69 -20.09 36.46
S SO4 U . -1.27 3.36 1.78
O1 SO4 U . -0.91 1.97 2.26
O2 SO4 U . -2.78 3.50 1.52
O3 SO4 U . -0.79 4.37 2.82
O4 SO4 U . -0.59 3.68 0.38
S SO4 V . 23.43 -11.32 25.99
O1 SO4 V . 23.37 -12.69 26.76
O2 SO4 V . 22.03 -10.83 25.69
O3 SO4 V . 24.21 -10.36 26.90
O4 SO4 V . 24.14 -11.50 24.57
S SO4 W . 10.33 21.05 31.40
O1 SO4 W . 10.50 20.44 32.76
O2 SO4 W . 9.25 20.25 30.61
O3 SO4 W . 9.88 22.57 31.50
O4 SO4 W . 11.63 21.06 30.57
ZN ZN X . 7.45 0.57 4.05
#